data_7SZ9
#
_entry.id   7SZ9
#
_cell.length_a   59.450
_cell.length_b   103.580
_cell.length_c   79.280
_cell.angle_alpha   90.000
_cell.angle_beta   108.280
_cell.angle_gamma   90.000
#
_symmetry.space_group_name_H-M   'P 1 21 1'
#
loop_
_entity.id
_entity.type
_entity.pdbx_description
1 polymer '3-oxoacyl-[acyl-carrier-protein] synthase 1'
2 polymer 'Acyl carrier protein'
3 non-polymer 'SODIUM ION'
4 non-polymer N~3~-{(2R)-4-[(dihydroxyphosphanyl)oxy]-2-hydroxy-3,3-dimethylbutanoyl}-N-(2-{[(9Z)-hexadec-9-enoyl]amino}ethyl)-beta-alaninamide
5 water water
#
loop_
_entity_poly.entity_id
_entity_poly.type
_entity_poly.pdbx_seq_one_letter_code
_entity_poly.pdbx_strand_id
1 'polypeptide(L)'
;VSKRAVITGLGIVSSIGNNQQEVLASLREGRSGITFSQELKDSGMRSHVWGNVKLDTTGLIDRKVVRFMSDASIYAFLSM
EQAIADAGLSPEAYQNNPRVGLIAGSGGGSPRFQVFGADAMRGPRGLKAVGPYVVTKAMASGVSACLATPFKIHGVNYSI
SSACATSAHCIGNAVEQIQLGKQDIVFAGGGEELCWEMACEFDAMGALSTKYNDTPEKASRTYDAHRDGFVIAGGGGMVV
VEELEHALARGAHIYAEIVGYGATSDGADMVAPSGEGAVRCMKMAMHGVDTPIDYLNSHGTSTPVGDVKELAAIREVFGD
KSPAISATKAMTGHSLGAAGVQEAIYSLLMLEHGFIAPSINIEELDEQAAGLNIVTETTDRELTTVMSNSFGFGGTNATL
VMRKLK
;
A,B
2 'polypeptide(L)' STIEERVKKIIGEQLGVKQEEVTNNASFVEDLGADSLDTVELVMALEEEFDTEIPDEEAEKITTVQAAIDYINGHQA C,D
#
# COMPACT_ATOMS: atom_id res chain seq x y z
N VAL A 1 -1.74 31.86 -13.10
CA VAL A 1 -2.94 31.07 -12.84
C VAL A 1 -2.68 30.07 -11.72
N SER A 2 -2.73 28.78 -12.08
CA SER A 2 -2.50 27.66 -11.15
C SER A 2 -3.58 27.60 -10.08
N LYS A 3 -4.36 26.53 -10.09
CA LYS A 3 -5.44 26.37 -9.11
C LYS A 3 -4.86 26.24 -7.70
N ARG A 4 -5.59 26.79 -6.74
CA ARG A 4 -5.19 26.79 -5.34
C ARG A 4 -6.06 25.84 -4.54
N ALA A 5 -5.46 25.19 -3.54
CA ALA A 5 -6.13 24.20 -2.73
C ALA A 5 -6.27 24.69 -1.29
N VAL A 6 -7.43 24.43 -0.69
CA VAL A 6 -7.73 24.83 0.68
C VAL A 6 -8.35 23.66 1.41
N ILE A 7 -8.30 23.73 2.74
CA ILE A 7 -8.92 22.73 3.62
C ILE A 7 -10.26 23.28 4.08
N THR A 8 -11.34 22.60 3.71
CA THR A 8 -12.69 23.05 4.05
C THR A 8 -13.37 22.15 5.09
N GLY A 9 -12.68 21.16 5.61
CA GLY A 9 -13.25 20.28 6.61
C GLY A 9 -12.22 19.27 7.05
N LEU A 10 -12.43 18.73 8.26
CA LEU A 10 -11.49 17.79 8.82
C LEU A 10 -12.19 16.86 9.80
N GLY A 11 -11.63 15.67 9.94
CA GLY A 11 -12.09 14.71 10.93
C GLY A 11 -10.91 13.89 11.41
N ILE A 12 -10.96 13.46 12.67
CA ILE A 12 -9.83 12.79 13.28
C ILE A 12 -10.33 11.87 14.38
N VAL A 13 -9.72 10.68 14.46
CA VAL A 13 -9.94 9.72 15.54
C VAL A 13 -8.55 9.31 16.01
N SER A 14 -8.05 9.95 17.05
CA SER A 14 -6.69 9.72 17.54
C SER A 14 -6.72 9.29 19.00
N SER A 15 -5.53 9.18 19.60
CA SER A 15 -5.38 8.72 20.97
C SER A 15 -5.52 9.83 22.00
N ILE A 16 -5.74 11.07 21.55
CA ILE A 16 -5.98 12.19 22.45
C ILE A 16 -7.38 12.78 22.27
N GLY A 17 -8.24 12.10 21.50
CA GLY A 17 -9.58 12.58 21.27
C GLY A 17 -10.24 11.88 20.09
N ASN A 18 -11.57 11.85 20.09
CA ASN A 18 -12.34 11.19 19.04
C ASN A 18 -13.00 12.17 18.08
N ASN A 19 -12.75 13.47 18.25
CA ASN A 19 -13.16 14.48 17.30
C ASN A 19 -12.27 15.70 17.50
N GLN A 20 -12.47 16.72 16.67
CA GLN A 20 -11.63 17.90 16.75
C GLN A 20 -11.86 18.71 18.01
N GLN A 21 -12.98 18.49 18.70
CA GLN A 21 -13.22 19.19 19.96
C GLN A 21 -12.44 18.55 21.11
N GLU A 22 -12.51 17.21 21.23
CA GLU A 22 -11.69 16.52 22.22
C GLU A 22 -10.21 16.74 21.96
N VAL A 23 -9.79 16.61 20.70
CA VAL A 23 -8.38 16.77 20.35
C VAL A 23 -7.91 18.17 20.70
N LEU A 24 -8.74 19.18 20.43
CA LEU A 24 -8.40 20.56 20.77
C LEU A 24 -8.18 20.71 22.27
N ALA A 25 -8.99 20.02 23.07
CA ALA A 25 -8.86 20.13 24.53
C ALA A 25 -7.57 19.50 25.01
N SER A 26 -7.18 18.36 24.44
CA SER A 26 -5.95 17.71 24.86
C SER A 26 -4.72 18.50 24.43
N LEU A 27 -4.79 19.19 23.30
CA LEU A 27 -3.64 19.96 22.82
C LEU A 27 -3.37 21.16 23.72
N ARG A 28 -4.41 21.87 24.13
N ARG A 28 -4.41 21.87 24.13
CA ARG A 28 -4.22 23.05 24.97
CA ARG A 28 -4.23 23.06 24.98
C ARG A 28 -3.81 22.69 26.39
C ARG A 28 -3.82 22.69 26.39
N GLU A 29 -4.14 21.48 26.85
CA GLU A 29 -3.77 21.07 28.19
C GLU A 29 -2.46 20.31 28.24
N GLY A 30 -2.10 19.63 27.15
CA GLY A 30 -0.88 18.84 27.14
C GLY A 30 -1.06 17.43 27.65
N ARG A 31 -2.28 16.88 27.54
CA ARG A 31 -2.55 15.54 28.04
C ARG A 31 -1.97 14.50 27.10
N SER A 32 -1.24 13.55 27.66
CA SER A 32 -0.72 12.43 26.89
C SER A 32 -1.79 11.36 26.73
N GLY A 33 -1.82 10.74 25.56
CA GLY A 33 -2.73 9.64 25.28
C GLY A 33 -2.14 8.27 25.48
N ILE A 34 -0.89 8.18 25.96
CA ILE A 34 -0.22 6.90 26.12
C ILE A 34 -0.72 6.22 27.37
N THR A 35 -1.09 4.94 27.25
CA THR A 35 -1.55 4.13 28.36
C THR A 35 -0.77 2.82 28.38
N PHE A 36 -1.02 2.03 29.42
CA PHE A 36 -0.42 0.71 29.53
C PHE A 36 -1.21 -0.29 28.69
N SER A 37 -0.50 -1.23 28.09
CA SER A 37 -1.10 -2.22 27.19
C SER A 37 -0.80 -3.62 27.73
N GLN A 38 -1.86 -4.34 28.10
CA GLN A 38 -1.67 -5.71 28.58
C GLN A 38 -1.46 -6.68 27.42
N GLU A 39 -2.00 -6.37 26.24
CA GLU A 39 -1.80 -7.23 25.08
C GLU A 39 -0.34 -7.27 24.67
N LEU A 40 0.33 -6.11 24.68
CA LEU A 40 1.76 -6.07 24.33
C LEU A 40 2.59 -6.86 25.34
N LYS A 41 2.18 -6.87 26.60
CA LYS A 41 2.91 -7.63 27.62
C LYS A 41 2.62 -9.13 27.51
N ASP A 42 1.37 -9.49 27.18
CA ASP A 42 1.02 -10.91 27.08
C ASP A 42 1.71 -11.60 25.92
N SER A 43 1.94 -10.87 24.82
CA SER A 43 2.57 -11.47 23.65
C SER A 43 4.07 -11.68 23.83
N GLY A 44 4.67 -11.16 24.90
CA GLY A 44 6.08 -11.34 25.14
C GLY A 44 6.96 -10.23 24.62
N MET A 45 6.44 -9.03 24.46
CA MET A 45 7.22 -7.90 23.98
C MET A 45 7.94 -7.22 25.13
N ARG A 46 8.92 -6.39 24.79
CA ARG A 46 9.64 -5.58 25.77
C ARG A 46 8.97 -4.25 26.04
N SER A 47 8.25 -3.71 25.05
CA SER A 47 7.51 -2.47 25.22
C SER A 47 6.07 -2.77 25.60
N HIS A 48 5.58 -2.10 26.64
CA HIS A 48 4.25 -2.37 27.18
C HIS A 48 3.34 -1.14 27.13
N VAL A 49 3.70 -0.13 26.34
CA VAL A 49 2.95 1.11 26.27
C VAL A 49 2.57 1.40 24.83
N TRP A 50 1.42 2.05 24.65
CA TRP A 50 0.98 2.44 23.32
C TRP A 50 -0.03 3.58 23.44
N GLY A 51 -0.40 4.12 22.29
CA GLY A 51 -1.44 5.13 22.20
C GLY A 51 -2.68 4.61 21.50
N ASN A 52 -3.59 4.02 22.24
CA ASN A 52 -4.76 3.36 21.66
C ASN A 52 -5.91 4.34 21.47
N VAL A 53 -6.89 3.92 20.69
CA VAL A 53 -8.09 4.71 20.44
C VAL A 53 -9.13 4.33 21.49
N LYS A 54 -9.46 5.27 22.38
CA LYS A 54 -10.46 5.05 23.43
C LYS A 54 -11.84 5.34 22.85
N LEU A 55 -12.37 4.36 22.14
CA LEU A 55 -13.65 4.53 21.45
C LEU A 55 -14.25 3.16 21.15
N ASP A 56 -15.55 3.05 21.39
CA ASP A 56 -16.30 1.85 21.04
C ASP A 56 -16.87 2.00 19.63
N THR A 57 -16.57 1.04 18.75
CA THR A 57 -16.98 1.09 17.36
C THR A 57 -18.07 0.08 17.04
N THR A 58 -18.72 -0.49 18.05
CA THR A 58 -19.77 -1.47 17.84
C THR A 58 -21.08 -0.77 17.49
N GLY A 59 -21.48 -0.87 16.23
CA GLY A 59 -22.73 -0.28 15.78
C GLY A 59 -22.62 1.08 15.12
N LEU A 60 -21.41 1.59 14.94
CA LEU A 60 -21.23 2.90 14.31
C LEU A 60 -21.18 2.83 12.79
N ILE A 61 -20.89 1.66 12.23
CA ILE A 61 -20.85 1.46 10.78
C ILE A 61 -21.82 0.34 10.44
N ASP A 62 -22.49 0.49 9.29
CA ASP A 62 -23.47 -0.50 8.87
C ASP A 62 -22.82 -1.85 8.60
N ARG A 63 -23.62 -2.91 8.75
CA ARG A 63 -23.07 -4.26 8.60
C ARG A 63 -22.64 -4.53 7.16
N LYS A 64 -23.39 -4.02 6.18
CA LYS A 64 -23.03 -4.21 4.78
C LYS A 64 -21.73 -3.51 4.42
N VAL A 65 -21.30 -2.55 5.23
CA VAL A 65 -20.10 -1.76 4.94
C VAL A 65 -18.94 -2.19 5.82
N VAL A 66 -19.21 -2.52 7.09
CA VAL A 66 -18.14 -2.85 8.02
C VAL A 66 -17.60 -4.26 7.81
N ARG A 67 -18.31 -5.12 7.08
CA ARG A 67 -17.86 -6.50 6.91
C ARG A 67 -16.57 -6.61 6.11
N PHE A 68 -16.25 -5.61 5.29
CA PHE A 68 -15.01 -5.59 4.52
C PHE A 68 -13.88 -4.86 5.23
N MET A 69 -14.16 -4.28 6.40
CA MET A 69 -13.26 -3.31 7.01
C MET A 69 -12.37 -3.93 8.09
N SER A 70 -11.13 -3.47 8.13
CA SER A 70 -10.24 -3.69 9.25
C SER A 70 -10.19 -2.43 10.10
N ASP A 71 -9.46 -2.49 11.22
CA ASP A 71 -9.44 -1.37 12.14
C ASP A 71 -8.86 -0.11 11.51
N ALA A 72 -7.94 -0.26 10.56
CA ALA A 72 -7.41 0.92 9.87
C ALA A 72 -8.48 1.59 9.02
N SER A 73 -9.37 0.80 8.40
CA SER A 73 -10.43 1.37 7.59
C SER A 73 -11.57 1.91 8.44
N ILE A 74 -11.77 1.38 9.65
CA ILE A 74 -12.82 1.88 10.52
C ILE A 74 -12.47 3.27 11.03
N TYR A 75 -11.22 3.48 11.44
CA TYR A 75 -10.81 4.79 11.93
C TYR A 75 -10.84 5.83 10.82
N ALA A 76 -10.52 5.43 9.59
CA ALA A 76 -10.56 6.37 8.47
C ALA A 76 -12.01 6.66 8.06
N PHE A 77 -12.88 5.66 8.13
CA PHE A 77 -14.29 5.88 7.81
C PHE A 77 -14.93 6.83 8.81
N LEU A 78 -14.73 6.57 10.10
CA LEU A 78 -15.28 7.47 11.12
C LEU A 78 -14.68 8.86 11.02
N SER A 79 -13.43 8.97 10.56
CA SER A 79 -12.84 10.28 10.36
C SER A 79 -13.42 10.97 9.14
N MET A 80 -13.70 10.21 8.07
CA MET A 80 -14.30 10.80 6.88
C MET A 80 -15.74 11.21 7.12
N GLU A 81 -16.44 10.52 8.01
CA GLU A 81 -17.81 10.93 8.35
C GLU A 81 -17.82 12.30 9.02
N GLN A 82 -16.84 12.56 9.90
CA GLN A 82 -16.77 13.85 10.56
C GLN A 82 -16.35 14.95 9.57
N ALA A 83 -15.44 14.63 8.65
CA ALA A 83 -14.94 15.64 7.73
C ALA A 83 -16.01 16.09 6.75
N ILE A 84 -16.88 15.16 6.32
CA ILE A 84 -17.94 15.51 5.38
C ILE A 84 -18.94 16.45 6.03
N ALA A 85 -19.34 16.15 7.26
CA ALA A 85 -20.26 17.03 7.97
C ALA A 85 -19.59 18.36 8.33
N ASP A 86 -18.32 18.32 8.71
CA ASP A 86 -17.60 19.55 9.03
C ASP A 86 -17.46 20.44 7.81
N ALA A 87 -17.40 19.84 6.61
CA ALA A 87 -17.33 20.62 5.39
C ALA A 87 -18.70 21.14 4.95
N GLY A 88 -19.78 20.66 5.57
CA GLY A 88 -21.11 21.07 5.17
C GLY A 88 -21.57 20.47 3.86
N LEU A 89 -21.08 19.28 3.53
CA LEU A 89 -21.38 18.63 2.27
C LEU A 89 -22.53 17.64 2.43
N SER A 90 -23.39 17.59 1.43
CA SER A 90 -24.51 16.65 1.36
C SER A 90 -24.27 15.62 0.25
N PRO A 91 -24.90 14.45 0.35
CA PRO A 91 -24.68 13.42 -0.67
C PRO A 91 -24.97 13.90 -2.09
N GLU A 92 -25.91 14.82 -2.27
CA GLU A 92 -26.17 15.36 -3.60
C GLU A 92 -24.99 16.14 -4.15
N ALA A 93 -24.05 16.56 -3.28
CA ALA A 93 -22.94 17.39 -3.70
C ALA A 93 -21.64 16.61 -3.92
N TYR A 94 -21.46 15.45 -3.30
CA TYR A 94 -20.23 14.69 -3.45
C TYR A 94 -20.42 13.26 -3.96
N GLN A 95 -21.62 12.69 -3.84
CA GLN A 95 -21.85 11.35 -4.34
C GLN A 95 -22.10 11.36 -5.84
N ASN A 96 -21.62 10.30 -6.52
CA ASN A 96 -21.78 10.15 -7.96
C ASN A 96 -21.28 11.37 -8.71
N ASN A 97 -20.16 11.92 -8.24
CA ASN A 97 -19.58 13.13 -8.82
C ASN A 97 -18.18 12.82 -9.32
N PRO A 98 -17.93 12.85 -10.63
CA PRO A 98 -16.58 12.53 -11.14
C PRO A 98 -15.51 13.51 -10.69
N ARG A 99 -15.89 14.70 -10.21
CA ARG A 99 -14.95 15.69 -9.74
C ARG A 99 -14.61 15.53 -8.26
N VAL A 100 -15.07 14.45 -7.63
CA VAL A 100 -14.86 14.21 -6.21
C VAL A 100 -14.11 12.89 -6.07
N GLY A 101 -12.88 12.94 -5.56
CA GLY A 101 -12.04 11.79 -5.41
C GLY A 101 -11.69 11.49 -3.97
N LEU A 102 -10.85 10.47 -3.79
CA LEU A 102 -10.45 10.02 -2.47
C LEU A 102 -9.07 9.38 -2.57
N ILE A 103 -8.11 9.92 -1.81
CA ILE A 103 -6.75 9.40 -1.76
C ILE A 103 -6.41 9.20 -0.29
N ALA A 104 -6.53 7.96 0.19
CA ALA A 104 -6.26 7.64 1.58
C ALA A 104 -5.61 6.27 1.65
N GLY A 105 -4.44 6.19 2.30
CA GLY A 105 -3.69 4.97 2.40
C GLY A 105 -3.39 4.59 3.84
N SER A 106 -2.70 3.45 3.97
N SER A 106 -2.70 3.45 3.97
CA SER A 106 -2.27 2.93 5.26
CA SER A 106 -2.28 2.93 5.26
C SER A 106 -0.80 2.59 5.20
C SER A 106 -0.80 2.59 5.20
N GLY A 107 -0.20 2.41 6.38
CA GLY A 107 1.22 2.10 6.44
C GLY A 107 1.55 0.79 5.77
N GLY A 108 0.72 -0.23 5.98
CA GLY A 108 0.93 -1.52 5.34
C GLY A 108 -0.37 -2.16 4.90
N GLY A 109 -1.33 -2.25 5.81
CA GLY A 109 -2.61 -2.86 5.53
C GLY A 109 -3.27 -3.37 6.80
N SER A 110 -3.07 -4.65 7.12
CA SER A 110 -3.54 -5.23 8.36
C SER A 110 -2.85 -6.56 8.62
N PRO A 111 -1.79 -6.57 9.44
CA PRO A 111 -1.13 -7.84 9.75
C PRO A 111 -2.00 -8.78 10.59
N ARG A 112 -2.92 -8.25 11.40
N ARG A 112 -2.92 -8.25 11.40
CA ARG A 112 -3.71 -9.10 12.28
CA ARG A 112 -3.71 -9.10 12.28
C ARG A 112 -4.63 -10.02 11.48
C ARG A 112 -4.63 -10.02 11.48
N PHE A 113 -5.29 -9.49 10.45
CA PHE A 113 -6.19 -10.32 9.65
C PHE A 113 -5.43 -11.23 8.69
N GLN A 114 -4.23 -10.83 8.28
CA GLN A 114 -3.40 -11.73 7.46
C GLN A 114 -2.93 -12.93 8.28
N VAL A 115 -2.57 -12.70 9.54
CA VAL A 115 -2.17 -13.80 10.42
C VAL A 115 -3.37 -14.68 10.76
N PHE A 116 -4.54 -14.07 10.93
CA PHE A 116 -5.74 -14.83 11.28
C PHE A 116 -6.11 -15.80 10.18
N GLY A 117 -5.97 -15.38 8.91
CA GLY A 117 -6.29 -16.26 7.81
C GLY A 117 -5.28 -17.38 7.61
N ALA A 118 -4.01 -17.10 7.90
CA ALA A 118 -2.99 -18.13 7.78
C ALA A 118 -3.16 -19.21 8.84
N ASP A 119 -3.50 -18.81 10.07
CA ASP A 119 -3.76 -19.79 11.12
C ASP A 119 -4.98 -20.65 10.79
N ALA A 120 -6.01 -20.04 10.18
CA ALA A 120 -7.19 -20.80 9.79
C ALA A 120 -6.90 -21.71 8.61
N MET A 121 -6.04 -21.26 7.68
CA MET A 121 -5.68 -22.10 6.55
C MET A 121 -4.92 -23.35 6.99
N ARG A 122 -4.07 -23.21 8.02
CA ARG A 122 -3.31 -24.35 8.54
C ARG A 122 -4.05 -25.08 9.66
N GLY A 123 -5.24 -24.64 10.04
CA GLY A 123 -5.98 -25.27 11.10
C GLY A 123 -6.66 -26.55 10.64
N PRO A 124 -7.45 -27.13 11.55
CA PRO A 124 -8.12 -28.40 11.20
C PRO A 124 -9.16 -28.24 10.11
N ARG A 125 -9.89 -27.12 10.09
CA ARG A 125 -10.91 -26.92 9.07
C ARG A 125 -10.28 -26.71 7.69
N GLY A 126 -9.38 -25.74 7.58
CA GLY A 126 -8.68 -25.51 6.33
C GLY A 126 -9.18 -24.31 5.56
N LEU A 127 -9.35 -24.49 4.23
CA LEU A 127 -9.82 -23.40 3.39
C LEU A 127 -11.21 -22.93 3.76
N LYS A 128 -12.03 -23.81 4.36
CA LYS A 128 -13.40 -23.45 4.68
C LYS A 128 -13.46 -22.43 5.82
N ALA A 129 -12.46 -22.42 6.70
CA ALA A 129 -12.47 -21.55 7.87
C ALA A 129 -11.79 -20.21 7.63
N VAL A 130 -11.26 -19.97 6.43
CA VAL A 130 -10.56 -18.72 6.17
C VAL A 130 -11.54 -17.55 6.18
N GLY A 131 -12.67 -17.69 5.50
CA GLY A 131 -13.63 -16.62 5.39
C GLY A 131 -13.41 -15.82 4.11
N PRO A 132 -14.47 -15.13 3.66
CA PRO A 132 -14.40 -14.41 2.39
C PRO A 132 -14.07 -12.93 2.49
N TYR A 133 -13.64 -12.44 3.66
CA TYR A 133 -13.37 -11.01 3.87
C TYR A 133 -11.92 -10.75 4.26
N VAL A 134 -11.03 -11.72 4.07
CA VAL A 134 -9.64 -11.52 4.45
C VAL A 134 -8.91 -10.65 3.44
N VAL A 135 -9.26 -10.74 2.16
CA VAL A 135 -8.61 -9.93 1.13
C VAL A 135 -8.83 -8.45 1.40
N THR A 136 -10.10 -8.06 1.57
CA THR A 136 -10.44 -6.65 1.74
C THR A 136 -9.83 -6.07 3.00
N LYS A 137 -9.64 -6.90 4.03
CA LYS A 137 -9.14 -6.38 5.30
C LYS A 137 -7.62 -6.27 5.33
N ALA A 138 -6.92 -7.11 4.58
CA ALA A 138 -5.47 -7.24 4.70
C ALA A 138 -4.68 -6.58 3.58
N MET A 139 -5.34 -6.03 2.56
CA MET A 139 -4.61 -5.44 1.45
C MET A 139 -4.22 -4.00 1.75
N ALA A 140 -3.19 -3.53 1.05
CA ALA A 140 -2.65 -2.20 1.30
C ALA A 140 -3.60 -1.09 0.88
N SER A 141 -4.51 -1.36 -0.07
CA SER A 141 -5.48 -0.38 -0.53
C SER A 141 -6.83 -0.56 0.14
N GLY A 142 -6.86 -1.14 1.34
CA GLY A 142 -8.13 -1.36 2.00
C GLY A 142 -8.82 -0.08 2.42
N VAL A 143 -8.03 0.91 2.86
CA VAL A 143 -8.61 2.16 3.37
C VAL A 143 -9.38 2.88 2.27
N SER A 144 -8.80 2.95 1.06
CA SER A 144 -9.46 3.67 -0.02
C SER A 144 -10.59 2.85 -0.64
N ALA A 145 -10.42 1.53 -0.73
CA ALA A 145 -11.43 0.70 -1.38
C ALA A 145 -12.66 0.49 -0.48
N CYS A 146 -12.44 0.38 0.83
CA CYS A 146 -13.55 0.24 1.76
C CYS A 146 -14.30 1.56 1.98
N LEU A 147 -13.76 2.68 1.53
CA LEU A 147 -14.39 3.98 1.71
C LEU A 147 -15.01 4.55 0.45
N ALA A 148 -14.44 4.29 -0.72
CA ALA A 148 -14.95 4.86 -1.96
C ALA A 148 -16.31 4.29 -2.36
N THR A 149 -16.66 3.10 -1.87
CA THR A 149 -17.92 2.47 -2.25
C THR A 149 -19.09 2.98 -1.40
N PRO A 150 -18.98 3.03 -0.06
CA PRO A 150 -20.12 3.57 0.71
C PRO A 150 -20.39 5.04 0.43
N PHE A 151 -19.35 5.83 0.18
CA PHE A 151 -19.51 7.24 -0.13
C PHE A 151 -19.71 7.50 -1.62
N LYS A 152 -19.71 6.45 -2.44
CA LYS A 152 -20.01 6.54 -3.87
C LYS A 152 -19.09 7.54 -4.58
N ILE A 153 -17.79 7.40 -4.33
CA ILE A 153 -16.81 8.26 -4.95
C ILE A 153 -16.65 7.88 -6.41
N HIS A 154 -16.70 8.87 -7.30
CA HIS A 154 -16.55 8.65 -8.74
C HIS A 154 -15.24 9.18 -9.30
N GLY A 155 -14.50 9.99 -8.55
CA GLY A 155 -13.24 10.54 -9.03
C GLY A 155 -12.09 9.56 -8.85
N VAL A 156 -10.90 10.11 -8.62
CA VAL A 156 -9.73 9.28 -8.38
C VAL A 156 -9.91 8.49 -7.09
N ASN A 157 -9.30 7.30 -7.04
CA ASN A 157 -9.46 6.43 -5.88
C ASN A 157 -8.27 5.48 -5.85
N TYR A 158 -7.32 5.74 -4.95
CA TYR A 158 -6.21 4.82 -4.69
C TYR A 158 -5.59 5.18 -3.35
N SER A 159 -4.67 4.34 -2.92
CA SER A 159 -3.95 4.53 -1.66
C SER A 159 -2.49 4.83 -1.94
N ILE A 160 -1.91 5.71 -1.14
CA ILE A 160 -0.50 6.03 -1.18
C ILE A 160 0.13 5.52 0.11
N SER A 161 1.28 4.86 -0.01
CA SER A 161 1.99 4.33 1.16
C SER A 161 3.44 4.78 1.10
N SER A 162 3.94 5.34 2.20
CA SER A 162 5.32 5.78 2.28
C SER A 162 5.78 5.78 3.74
N ALA A 163 5.61 4.64 4.42
CA ALA A 163 6.03 4.44 5.80
C ALA A 163 5.29 5.44 6.68
N CYS A 164 5.97 6.27 7.47
CA CYS A 164 5.32 7.21 8.37
C CYS A 164 5.03 8.55 7.73
N ALA A 165 5.38 8.73 6.45
CA ALA A 165 4.99 9.90 5.68
C ALA A 165 3.75 9.64 4.83
N THR A 166 3.03 8.56 5.14
CA THR A 166 1.97 8.08 4.25
C THR A 166 0.89 9.12 4.02
N SER A 167 0.20 9.53 5.09
CA SER A 167 -0.95 10.42 4.93
C SER A 167 -0.56 11.84 4.56
N ALA A 168 0.71 12.21 4.72
CA ALA A 168 1.16 13.52 4.23
C ALA A 168 1.31 13.51 2.72
N HIS A 169 1.85 12.43 2.16
CA HIS A 169 1.89 12.28 0.70
C HIS A 169 0.49 12.21 0.12
N CYS A 170 -0.46 11.61 0.84
CA CYS A 170 -1.85 11.60 0.38
C CYS A 170 -2.39 13.01 0.26
N ILE A 171 -2.12 13.86 1.24
CA ILE A 171 -2.57 15.25 1.18
C ILE A 171 -1.85 15.98 0.04
N GLY A 172 -0.56 15.73 -0.12
CA GLY A 172 0.18 16.39 -1.18
C GLY A 172 -0.31 16.02 -2.57
N ASN A 173 -0.60 14.72 -2.77
N ASN A 173 -0.60 14.73 -2.78
CA ASN A 173 -1.15 14.28 -4.05
CA ASN A 173 -1.14 14.30 -4.07
C ASN A 173 -2.56 14.81 -4.27
C ASN A 173 -2.57 14.76 -4.27
N ALA A 174 -3.32 15.00 -3.19
CA ALA A 174 -4.64 15.60 -3.33
C ALA A 174 -4.53 17.02 -3.88
N VAL A 175 -3.56 17.78 -3.40
CA VAL A 175 -3.36 19.15 -3.89
C VAL A 175 -3.00 19.13 -5.37
N GLU A 176 -2.16 18.17 -5.79
CA GLU A 176 -1.77 18.10 -7.19
C GLU A 176 -2.97 17.83 -8.09
N GLN A 177 -3.91 16.99 -7.62
CA GLN A 177 -5.12 16.74 -8.39
C GLN A 177 -5.91 18.03 -8.61
N ILE A 178 -5.93 18.92 -7.63
CA ILE A 178 -6.61 20.20 -7.80
C ILE A 178 -5.80 21.13 -8.69
N GLN A 179 -4.47 21.15 -8.53
CA GLN A 179 -3.64 22.03 -9.33
C GLN A 179 -3.72 21.67 -10.82
N LEU A 180 -3.72 20.39 -11.14
CA LEU A 180 -3.87 19.96 -12.52
C LEU A 180 -5.28 20.15 -13.06
N GLY A 181 -6.22 20.59 -12.22
CA GLY A 181 -7.58 20.80 -12.68
C GLY A 181 -8.38 19.53 -12.89
N LYS A 182 -7.91 18.41 -12.36
CA LYS A 182 -8.59 17.14 -12.56
C LYS A 182 -9.68 16.87 -11.52
N GLN A 183 -9.63 17.52 -10.36
CA GLN A 183 -10.60 17.30 -9.31
C GLN A 183 -10.93 18.62 -8.63
N ASP A 184 -12.16 18.72 -8.13
CA ASP A 184 -12.59 19.87 -7.33
C ASP A 184 -12.54 19.58 -5.84
N ILE A 185 -12.83 18.34 -5.43
CA ILE A 185 -12.79 17.93 -4.03
C ILE A 185 -12.08 16.58 -3.96
N VAL A 186 -11.08 16.48 -3.09
CA VAL A 186 -10.40 15.21 -2.85
C VAL A 186 -10.31 15.00 -1.34
N PHE A 187 -10.83 13.88 -0.86
CA PHE A 187 -10.68 13.50 0.54
C PHE A 187 -9.35 12.78 0.72
N ALA A 188 -8.50 13.32 1.59
CA ALA A 188 -7.16 12.80 1.81
C ALA A 188 -6.94 12.51 3.28
N GLY A 189 -6.25 11.41 3.56
CA GLY A 189 -5.95 11.01 4.92
C GLY A 189 -5.45 9.59 5.03
N GLY A 190 -5.87 8.87 6.06
CA GLY A 190 -5.46 7.49 6.22
C GLY A 190 -5.81 6.99 7.60
N GLY A 191 -5.31 5.79 7.89
CA GLY A 191 -5.54 5.16 9.18
C GLY A 191 -4.50 4.08 9.44
N GLU A 192 -4.47 3.62 10.68
CA GLU A 192 -3.54 2.59 11.11
C GLU A 192 -4.13 1.85 12.29
N GLU A 193 -4.03 0.52 12.27
CA GLU A 193 -4.52 -0.29 13.37
C GLU A 193 -3.43 -0.50 14.41
N LEU A 194 -3.84 -0.98 15.58
CA LEU A 194 -2.93 -1.15 16.71
C LEU A 194 -3.10 -2.56 17.26
N CYS A 195 -2.09 -3.40 17.05
CA CYS A 195 -2.12 -4.78 17.53
C CYS A 195 -0.69 -5.27 17.71
N TRP A 196 -0.55 -6.35 18.47
CA TRP A 196 0.78 -6.90 18.73
C TRP A 196 1.40 -7.52 17.48
N GLU A 197 0.57 -7.98 16.53
CA GLU A 197 1.11 -8.57 15.31
C GLU A 197 1.88 -7.56 14.47
N MET A 198 1.65 -6.27 14.67
CA MET A 198 2.41 -5.23 13.98
C MET A 198 3.50 -4.62 14.87
N ALA A 199 3.21 -4.41 16.15
CA ALA A 199 4.17 -3.74 17.03
C ALA A 199 5.36 -4.64 17.35
N CYS A 200 5.17 -5.96 17.38
CA CYS A 200 6.26 -6.85 17.74
C CYS A 200 7.38 -6.86 16.71
N GLU A 201 7.11 -6.38 15.49
CA GLU A 201 8.17 -6.27 14.49
C GLU A 201 9.08 -5.09 14.79
N PHE A 202 8.54 -4.00 15.34
CA PHE A 202 9.37 -2.86 15.73
C PHE A 202 10.15 -3.14 17.00
N ASP A 203 9.62 -3.99 17.88
CA ASP A 203 10.36 -4.35 19.08
C ASP A 203 11.58 -5.21 18.75
N ALA A 204 11.52 -5.95 17.64
CA ALA A 204 12.68 -6.75 17.23
C ALA A 204 13.84 -5.87 16.78
N MET A 205 13.54 -4.72 16.15
CA MET A 205 14.57 -3.78 15.77
C MET A 205 15.08 -2.94 16.93
N GLY A 206 14.39 -2.95 18.06
CA GLY A 206 14.77 -2.12 19.18
C GLY A 206 14.36 -0.68 19.05
N ALA A 207 13.31 -0.38 18.28
CA ALA A 207 12.89 0.98 18.03
C ALA A 207 11.81 1.46 18.99
N LEU A 208 11.31 0.60 19.87
CA LEU A 208 10.27 0.97 20.82
C LEU A 208 10.86 1.29 22.18
N SER A 209 10.09 2.04 22.97
CA SER A 209 10.51 2.44 24.30
C SER A 209 10.19 1.34 25.29
N THR A 210 11.20 0.87 26.03
CA THR A 210 11.05 -0.24 26.96
C THR A 210 11.45 0.10 28.39
N LYS A 211 11.96 1.31 28.64
CA LYS A 211 12.46 1.66 29.96
C LYS A 211 11.42 2.33 30.83
N TYR A 212 10.25 2.70 30.30
CA TYR A 212 9.25 3.45 31.03
C TYR A 212 7.90 2.74 30.98
N ASN A 213 7.92 1.41 31.11
CA ASN A 213 6.66 0.66 31.09
C ASN A 213 5.84 0.89 32.35
N ASP A 214 6.45 1.37 33.44
CA ASP A 214 5.71 1.64 34.66
C ASP A 214 5.06 3.02 34.64
N THR A 215 5.69 4.00 34.00
CA THR A 215 5.16 5.35 33.86
C THR A 215 4.90 5.62 32.39
N PRO A 216 3.76 5.15 31.87
CA PRO A 216 3.51 5.28 30.42
C PRO A 216 3.34 6.72 29.96
N GLU A 217 2.85 7.61 30.82
CA GLU A 217 2.55 8.97 30.40
C GLU A 217 3.81 9.75 30.00
N LYS A 218 4.98 9.34 30.49
CA LYS A 218 6.23 10.02 30.16
C LYS A 218 7.17 9.12 29.35
N ALA A 219 6.60 8.17 28.61
CA ALA A 219 7.41 7.29 27.78
C ALA A 219 7.89 8.00 26.52
N SER A 220 6.96 8.60 25.77
CA SER A 220 7.29 9.37 24.58
C SER A 220 7.79 10.75 25.02
N ARG A 221 9.10 10.97 24.91
CA ARG A 221 9.75 12.18 25.41
C ARG A 221 10.69 12.72 24.33
N THR A 222 10.11 13.38 23.34
CA THR A 222 10.90 13.95 22.25
C THR A 222 11.79 15.07 22.77
N TYR A 223 13.04 15.08 22.31
CA TYR A 223 14.07 16.07 22.62
C TYR A 223 14.58 15.97 24.04
N ASP A 224 14.13 14.99 24.83
CA ASP A 224 14.69 14.78 26.15
C ASP A 224 15.99 13.99 26.05
N ALA A 225 16.89 14.23 27.00
CA ALA A 225 18.20 13.59 26.98
C ALA A 225 18.15 12.11 27.37
N HIS A 226 16.99 11.62 27.84
CA HIS A 226 16.86 10.25 28.32
C HIS A 226 15.80 9.50 27.52
N ARG A 227 15.74 9.75 26.22
CA ARG A 227 14.81 9.03 25.36
C ARG A 227 15.41 7.69 24.93
N ASP A 228 14.53 6.77 24.54
CA ASP A 228 14.98 5.43 24.16
C ASP A 228 14.06 4.75 23.16
N GLY A 229 13.39 5.53 22.32
CA GLY A 229 12.53 4.95 21.29
C GLY A 229 11.13 5.51 21.29
N PHE A 230 10.43 5.38 20.17
CA PHE A 230 9.10 5.93 20.06
C PHE A 230 8.06 4.97 20.63
N VAL A 231 6.88 5.51 20.91
CA VAL A 231 5.74 4.73 21.39
C VAL A 231 4.78 4.55 20.22
N ILE A 232 4.42 3.30 19.94
CA ILE A 232 3.52 3.03 18.82
C ILE A 232 2.11 3.49 19.17
N ALA A 233 1.36 3.90 18.14
CA ALA A 233 0.01 4.40 18.32
C ALA A 233 -0.77 4.15 17.06
N GLY A 234 -2.09 4.37 17.14
CA GLY A 234 -2.97 4.17 16.00
C GLY A 234 -3.99 5.28 15.86
N GLY A 235 -4.96 5.08 14.97
CA GLY A 235 -6.01 6.05 14.75
C GLY A 235 -6.12 6.36 13.27
N GLY A 236 -6.83 7.46 12.98
CA GLY A 236 -7.03 7.87 11.60
C GLY A 236 -7.35 9.34 11.52
N GLY A 237 -7.37 9.83 10.28
CA GLY A 237 -7.68 11.23 10.03
C GLY A 237 -8.01 11.45 8.58
N MET A 238 -8.76 12.50 8.32
CA MET A 238 -9.19 12.82 6.97
C MET A 238 -9.47 14.31 6.87
N VAL A 239 -8.97 14.94 5.81
CA VAL A 239 -9.23 16.34 5.53
C VAL A 239 -9.89 16.45 4.18
N VAL A 240 -10.68 17.50 4.01
CA VAL A 240 -11.37 17.79 2.75
C VAL A 240 -10.55 18.85 2.02
N VAL A 241 -9.85 18.44 0.97
CA VAL A 241 -9.05 19.35 0.16
C VAL A 241 -9.90 19.76 -1.02
N GLU A 242 -10.07 21.07 -1.22
CA GLU A 242 -11.02 21.60 -2.18
C GLU A 242 -10.40 22.77 -2.93
N GLU A 243 -10.84 22.95 -4.17
CA GLU A 243 -10.40 24.09 -4.97
C GLU A 243 -10.96 25.39 -4.40
N LEU A 244 -10.19 26.46 -4.55
CA LEU A 244 -10.53 27.71 -3.88
C LEU A 244 -11.86 28.29 -4.38
N GLU A 245 -11.99 28.46 -5.70
CA GLU A 245 -13.21 29.05 -6.24
C GLU A 245 -14.44 28.19 -5.92
N HIS A 246 -14.29 26.87 -6.01
CA HIS A 246 -15.40 25.98 -5.69
C HIS A 246 -15.81 26.12 -4.22
N ALA A 247 -14.83 26.30 -3.33
CA ALA A 247 -15.16 26.49 -1.92
C ALA A 247 -15.79 27.85 -1.68
N LEU A 248 -15.25 28.90 -2.28
CA LEU A 248 -15.82 30.24 -2.13
C LEU A 248 -17.18 30.37 -2.80
N ALA A 249 -17.48 29.51 -3.79
CA ALA A 249 -18.76 29.58 -4.46
C ALA A 249 -19.90 29.19 -3.54
N ARG A 250 -19.77 28.06 -2.85
CA ARG A 250 -20.79 27.57 -1.94
C ARG A 250 -20.67 28.15 -0.54
N GLY A 251 -19.82 29.16 -0.35
CA GLY A 251 -19.67 29.81 0.94
C GLY A 251 -19.25 28.87 2.04
N ALA A 252 -18.17 28.12 1.81
CA ALA A 252 -17.71 27.12 2.76
C ALA A 252 -16.78 27.74 3.81
N HIS A 253 -16.60 27.00 4.90
CA HIS A 253 -15.68 27.39 5.96
C HIS A 253 -14.29 26.88 5.61
N ILE A 254 -13.36 27.82 5.41
CA ILE A 254 -12.00 27.51 4.96
C ILE A 254 -11.06 27.64 6.15
N TYR A 255 -10.36 26.56 6.46
CA TYR A 255 -9.39 26.57 7.56
C TYR A 255 -8.10 27.27 7.14
N ALA A 256 -7.44 26.74 6.10
CA ALA A 256 -6.19 27.31 5.63
C ALA A 256 -5.97 26.86 4.19
N GLU A 257 -5.08 27.56 3.50
CA GLU A 257 -4.71 27.23 2.14
C GLU A 257 -3.37 26.49 2.14
N ILE A 258 -3.29 25.41 1.38
CA ILE A 258 -2.04 24.67 1.21
C ILE A 258 -1.17 25.48 0.24
N VAL A 259 -0.24 26.26 0.79
CA VAL A 259 0.62 27.11 -0.03
C VAL A 259 1.94 26.45 -0.38
N GLY A 260 2.19 25.24 0.11
CA GLY A 260 3.45 24.57 -0.16
C GLY A 260 3.43 23.09 0.13
N TYR A 261 4.11 22.31 -0.70
CA TYR A 261 4.20 20.87 -0.52
C TYR A 261 5.58 20.40 -0.96
N GLY A 262 6.26 19.70 -0.08
CA GLY A 262 7.59 19.17 -0.37
C GLY A 262 7.59 17.66 -0.28
N ALA A 263 8.36 17.02 -1.16
CA ALA A 263 8.47 15.56 -1.18
C ALA A 263 9.81 15.19 -1.79
N THR A 264 10.71 14.63 -0.98
CA THR A 264 12.04 14.27 -1.43
C THR A 264 12.39 12.85 -0.97
N SER A 265 13.55 12.38 -1.43
CA SER A 265 14.11 11.11 -1.00
C SER A 265 15.56 11.32 -0.63
N ASP A 266 16.01 10.64 0.42
CA ASP A 266 17.39 10.78 0.86
C ASP A 266 18.35 10.04 -0.07
N GLY A 267 18.12 8.74 -0.27
CA GLY A 267 19.01 7.96 -1.11
C GLY A 267 20.35 7.66 -0.49
N ALA A 268 20.44 7.66 0.84
CA ALA A 268 21.69 7.38 1.53
C ALA A 268 21.48 6.17 2.42
N ASP A 269 21.26 6.35 3.71
CA ASP A 269 20.93 5.24 4.60
C ASP A 269 19.42 5.08 4.68
N MET A 270 18.97 3.84 4.77
CA MET A 270 17.54 3.56 4.77
C MET A 270 16.95 3.55 6.17
N VAL A 271 17.75 3.26 7.19
CA VAL A 271 17.26 3.23 8.56
C VAL A 271 17.60 4.49 9.35
N ALA A 272 18.54 5.31 8.86
CA ALA A 272 18.92 6.54 9.52
C ALA A 272 18.75 7.71 8.56
N PRO A 273 18.02 8.76 8.93
CA PRO A 273 17.86 9.91 8.05
C PRO A 273 19.19 10.60 7.77
N SER A 274 19.22 11.36 6.68
CA SER A 274 20.43 12.04 6.25
C SER A 274 20.44 13.54 6.54
N GLY A 275 19.28 14.15 6.70
CA GLY A 275 19.15 15.59 6.89
C GLY A 275 19.23 16.42 5.62
N GLU A 276 20.06 16.00 4.67
CA GLU A 276 20.17 16.69 3.40
C GLU A 276 18.84 16.66 2.65
N GLY A 277 18.17 15.52 2.64
CA GLY A 277 16.86 15.42 2.01
C GLY A 277 15.80 16.23 2.73
N ALA A 278 15.95 16.41 4.03
CA ALA A 278 15.00 17.23 4.78
C ALA A 278 15.16 18.71 4.44
N VAL A 279 16.39 19.16 4.19
CA VAL A 279 16.61 20.56 3.84
C VAL A 279 15.96 20.87 2.49
N ARG A 280 16.17 20.01 1.50
CA ARG A 280 15.55 20.19 0.19
C ARG A 280 14.03 20.10 0.28
N CYS A 281 13.52 19.26 1.18
CA CYS A 281 12.08 19.09 1.30
C CYS A 281 11.41 20.32 1.91
N MET A 282 12.08 20.95 2.87
CA MET A 282 11.50 22.16 3.48
C MET A 282 11.60 23.35 2.55
N LYS A 283 12.72 23.47 1.81
CA LYS A 283 12.88 24.59 0.90
C LYS A 283 11.90 24.50 -0.27
N MET A 284 11.62 23.29 -0.73
CA MET A 284 10.67 23.12 -1.84
C MET A 284 9.26 23.52 -1.41
N ALA A 285 8.90 23.26 -0.16
CA ALA A 285 7.57 23.64 0.32
C ALA A 285 7.48 25.14 0.63
N MET A 286 8.57 25.75 1.08
CA MET A 286 8.59 27.17 1.38
C MET A 286 8.77 28.03 0.13
N HIS A 287 8.95 27.43 -1.04
CA HIS A 287 9.18 28.19 -2.26
C HIS A 287 7.92 28.98 -2.63
N GLY A 288 8.04 30.30 -2.64
CA GLY A 288 6.92 31.16 -2.96
C GLY A 288 6.12 31.67 -1.79
N VAL A 289 6.48 31.28 -0.56
CA VAL A 289 5.77 31.71 0.64
C VAL A 289 6.56 32.89 1.21
N ASP A 290 6.04 34.10 0.97
CA ASP A 290 6.74 35.30 1.42
C ASP A 290 6.58 35.52 2.93
N THR A 291 5.51 35.00 3.52
CA THR A 291 5.31 35.15 4.95
C THR A 291 6.18 34.16 5.73
N PRO A 292 6.68 34.55 6.90
CA PRO A 292 7.53 33.65 7.67
C PRO A 292 6.73 32.52 8.31
N ILE A 293 7.46 31.49 8.73
CA ILE A 293 6.87 30.35 9.41
C ILE A 293 6.79 30.66 10.90
N ASP A 294 5.59 30.59 11.45
CA ASP A 294 5.38 30.86 12.87
C ASP A 294 5.54 29.62 13.74
N TYR A 295 5.09 28.47 13.24
CA TYR A 295 5.13 27.24 14.00
C TYR A 295 5.58 26.10 13.09
N LEU A 296 6.38 25.19 13.64
CA LEU A 296 6.85 24.01 12.93
C LEU A 296 6.49 22.77 13.74
N ASN A 297 5.68 21.91 13.15
CA ASN A 297 5.35 20.62 13.76
C ASN A 297 6.40 19.62 13.31
N SER A 298 7.35 19.32 14.20
CA SER A 298 8.44 18.42 13.87
C SER A 298 7.96 16.97 13.82
N HIS A 299 8.74 16.13 13.16
CA HIS A 299 8.46 14.70 13.18
C HIS A 299 8.87 14.08 14.50
N GLY A 300 10.03 14.48 15.02
CA GLY A 300 10.48 14.09 16.35
C GLY A 300 10.46 12.60 16.65
N THR A 301 9.46 12.18 17.43
CA THR A 301 9.11 10.80 17.81
C THR A 301 10.02 10.22 18.89
N SER A 302 10.96 10.99 19.42
CA SER A 302 11.75 10.58 20.59
C SER A 302 12.66 9.39 20.28
N THR A 303 13.30 9.42 19.13
CA THR A 303 14.28 8.42 18.77
C THR A 303 15.69 8.87 19.16
N PRO A 304 16.56 7.94 19.55
CA PRO A 304 17.86 8.34 20.11
C PRO A 304 18.72 9.19 19.18
N VAL A 305 18.65 8.99 17.87
CA VAL A 305 19.52 9.66 16.92
C VAL A 305 18.75 10.60 16.00
N GLY A 306 17.63 10.13 15.45
CA GLY A 306 16.88 10.94 14.49
C GLY A 306 16.29 12.22 15.06
N ASP A 307 16.34 12.40 16.38
CA ASP A 307 15.84 13.64 16.97
C ASP A 307 16.77 14.80 16.67
N VAL A 308 18.07 14.62 16.91
CA VAL A 308 19.02 15.72 16.72
C VAL A 308 19.30 15.97 15.23
N LYS A 309 19.15 14.95 14.39
CA LYS A 309 19.43 15.13 12.97
C LYS A 309 18.40 16.04 12.31
N GLU A 310 17.13 15.90 12.71
CA GLU A 310 16.10 16.79 12.18
C GLU A 310 16.33 18.23 12.62
N LEU A 311 16.86 18.42 13.83
CA LEU A 311 17.11 19.77 14.33
C LEU A 311 18.17 20.48 13.52
N ALA A 312 19.22 19.77 13.11
CA ALA A 312 20.26 20.38 12.29
C ALA A 312 19.73 20.81 10.94
N ALA A 313 18.73 20.10 10.41
CA ALA A 313 18.12 20.50 9.14
C ALA A 313 17.28 21.75 9.31
N ILE A 314 16.64 21.93 10.45
CA ILE A 314 15.87 23.15 10.69
C ILE A 314 16.80 24.36 10.78
N ARG A 315 17.93 24.21 11.48
CA ARG A 315 18.87 25.32 11.61
C ARG A 315 19.46 25.71 10.27
N GLU A 316 19.70 24.73 9.39
CA GLU A 316 20.29 25.02 8.09
C GLU A 316 19.31 25.77 7.19
N VAL A 317 18.01 25.53 7.35
CA VAL A 317 17.03 26.16 6.48
C VAL A 317 16.66 27.56 6.98
N PHE A 318 16.52 27.72 8.30
CA PHE A 318 16.05 28.97 8.87
C PHE A 318 17.17 29.86 9.38
N GLY A 319 18.31 29.30 9.78
CA GLY A 319 19.41 30.10 10.28
C GLY A 319 19.11 30.76 11.61
N ASP A 320 19.06 32.09 11.63
CA ASP A 320 18.71 32.82 12.84
C ASP A 320 17.22 33.05 13.00
N LYS A 321 16.44 32.85 11.93
CA LYS A 321 15.00 33.08 11.96
C LYS A 321 14.25 31.79 12.27
N SER A 322 14.62 31.15 13.38
CA SER A 322 14.04 29.86 13.72
C SER A 322 12.59 30.03 14.17
N PRO A 323 11.67 29.22 13.68
CA PRO A 323 10.28 29.29 14.15
C PRO A 323 10.10 28.48 15.44
N ALA A 324 8.91 28.65 16.03
CA ALA A 324 8.56 27.89 17.22
C ALA A 324 8.40 26.41 16.86
N ILE A 325 8.97 25.54 17.70
CA ILE A 325 9.01 24.11 17.44
C ILE A 325 8.35 23.37 18.59
N SER A 326 7.56 22.34 18.26
CA SER A 326 6.99 21.44 19.25
C SER A 326 6.63 20.14 18.57
N ALA A 327 6.94 19.03 19.22
CA ALA A 327 6.66 17.70 18.69
C ALA A 327 5.41 17.16 19.38
N THR A 328 4.30 17.12 18.65
CA THR A 328 3.04 16.64 19.21
C THR A 328 3.07 15.14 19.50
N LYS A 329 4.06 14.42 18.97
CA LYS A 329 4.15 12.98 19.22
C LYS A 329 4.46 12.67 20.67
N ALA A 330 5.00 13.62 21.43
CA ALA A 330 5.22 13.41 22.86
C ALA A 330 3.92 13.18 23.60
N MET A 331 2.79 13.62 23.06
CA MET A 331 1.48 13.40 23.65
C MET A 331 0.80 12.18 23.03
N THR A 332 0.79 12.09 21.71
CA THR A 332 -0.03 11.12 21.00
C THR A 332 0.70 9.81 20.71
N GLY A 333 2.01 9.87 20.52
CA GLY A 333 2.72 8.71 20.02
C GLY A 333 2.89 8.79 18.52
N HIS A 334 3.32 7.66 17.95
CA HIS A 334 3.59 7.56 16.52
C HIS A 334 2.52 6.67 15.88
N SER A 335 1.59 7.29 15.16
CA SER A 335 0.49 6.58 14.50
C SER A 335 0.87 6.07 13.11
N LEU A 336 2.15 6.11 12.74
CA LEU A 336 2.67 5.50 11.52
C LEU A 336 1.97 6.11 10.32
N GLY A 337 1.21 5.35 9.54
CA GLY A 337 0.60 5.85 8.31
C GLY A 337 -0.45 6.92 8.51
N ALA A 338 -0.94 7.10 9.74
CA ALA A 338 -1.92 8.14 10.04
C ALA A 338 -1.27 9.40 10.61
N ALA A 339 0.03 9.38 10.89
CA ALA A 339 0.67 10.50 11.55
C ALA A 339 0.63 11.77 10.70
N GLY A 340 0.82 11.64 9.39
CA GLY A 340 0.89 12.81 8.53
C GLY A 340 -0.39 13.62 8.57
N VAL A 341 -1.54 12.97 8.37
CA VAL A 341 -2.81 13.69 8.36
C VAL A 341 -3.19 14.13 9.76
N GLN A 342 -2.78 13.38 10.79
CA GLN A 342 -3.11 13.76 12.16
C GLN A 342 -2.28 14.95 12.63
N GLU A 343 -0.99 14.96 12.31
CA GLU A 343 -0.16 16.11 12.66
C GLU A 343 -0.52 17.33 11.83
N ALA A 344 -1.06 17.13 10.63
CA ALA A 344 -1.57 18.25 9.84
C ALA A 344 -2.83 18.84 10.46
N ILE A 345 -3.68 18.00 11.06
CA ILE A 345 -4.88 18.50 11.72
C ILE A 345 -4.52 19.21 13.01
N TYR A 346 -3.52 18.71 13.73
CA TYR A 346 -3.05 19.40 14.93
C TYR A 346 -2.56 20.80 14.60
N SER A 347 -1.83 20.94 13.49
CA SER A 347 -1.36 22.26 13.07
C SER A 347 -2.50 23.14 12.62
N LEU A 348 -3.54 22.56 12.01
CA LEU A 348 -4.70 23.35 11.58
C LEU A 348 -5.47 23.89 12.77
N LEU A 349 -5.72 23.04 13.77
CA LEU A 349 -6.44 23.48 14.96
C LEU A 349 -5.66 24.57 15.69
N MET A 350 -4.33 24.45 15.73
CA MET A 350 -3.53 25.48 16.38
C MET A 350 -3.57 26.78 15.58
N LEU A 351 -3.52 26.68 14.25
CA LEU A 351 -3.64 27.86 13.42
C LEU A 351 -5.03 28.47 13.51
N GLU A 352 -6.07 27.62 13.58
CA GLU A 352 -7.43 28.12 13.63
C GLU A 352 -7.75 28.78 14.96
N HIS A 353 -7.24 28.22 16.06
CA HIS A 353 -7.56 28.70 17.40
C HIS A 353 -6.46 29.55 18.02
N GLY A 354 -5.36 29.77 17.31
CA GLY A 354 -4.33 30.69 17.78
C GLY A 354 -3.64 30.29 19.06
N PHE A 355 -2.88 29.21 19.02
CA PHE A 355 -2.09 28.76 20.17
C PHE A 355 -1.03 27.79 19.67
N ILE A 356 -0.18 27.34 20.59
CA ILE A 356 0.89 26.41 20.28
C ILE A 356 0.85 25.28 21.30
N ALA A 357 0.62 24.06 20.83
CA ALA A 357 0.63 22.91 21.71
C ALA A 357 2.05 22.67 22.23
N PRO A 358 2.22 22.26 23.48
CA PRO A 358 3.56 22.13 24.04
C PRO A 358 4.20 20.80 23.69
N SER A 359 5.53 20.80 23.71
CA SER A 359 6.32 19.58 23.57
C SER A 359 6.63 19.11 24.99
N ILE A 360 5.81 18.17 25.48
CA ILE A 360 5.85 17.77 26.89
C ILE A 360 6.97 16.78 27.14
N ASN A 361 7.10 16.38 28.41
CA ASN A 361 8.02 15.35 28.90
C ASN A 361 9.49 15.74 28.75
N ILE A 362 9.78 16.98 28.38
CA ILE A 362 11.17 17.44 28.29
C ILE A 362 11.61 17.82 29.70
N GLU A 363 12.49 17.01 30.28
CA GLU A 363 13.06 17.29 31.60
C GLU A 363 14.48 17.82 31.51
N GLU A 364 15.31 17.24 30.65
CA GLU A 364 16.66 17.73 30.39
C GLU A 364 16.83 17.88 28.88
N LEU A 365 16.84 19.12 28.40
CA LEU A 365 17.01 19.37 26.98
C LEU A 365 18.38 18.91 26.52
N ASP A 366 18.42 18.25 25.37
CA ASP A 366 19.64 17.62 24.89
C ASP A 366 20.53 18.64 24.18
N GLU A 367 21.71 18.18 23.77
CA GLU A 367 22.68 19.04 23.11
C GLU A 367 22.26 19.33 21.67
N GLN A 368 22.75 20.46 21.16
CA GLN A 368 22.40 20.98 19.83
C GLN A 368 20.92 21.29 19.71
N ALA A 369 20.17 21.15 20.80
CA ALA A 369 18.80 21.62 20.86
C ALA A 369 18.71 23.06 21.39
N ALA A 370 19.71 23.49 22.15
CA ALA A 370 19.77 24.89 22.58
C ALA A 370 20.09 25.78 21.39
N GLY A 371 19.33 26.86 21.25
CA GLY A 371 19.41 27.73 20.10
C GLY A 371 18.15 27.72 19.25
N LEU A 372 17.23 26.80 19.50
CA LEU A 372 15.94 26.74 18.83
C LEU A 372 14.83 26.96 19.86
N ASN A 373 13.68 27.41 19.38
CA ASN A 373 12.55 27.71 20.25
C ASN A 373 11.63 26.49 20.33
N ILE A 374 12.09 25.49 21.09
CA ILE A 374 11.28 24.32 21.40
C ILE A 374 10.29 24.76 22.47
N VAL A 375 9.04 24.98 22.07
CA VAL A 375 8.03 25.52 22.99
C VAL A 375 7.60 24.44 23.95
N THR A 376 7.85 24.65 25.23
CA THR A 376 7.56 23.66 26.26
C THR A 376 6.24 23.88 26.98
N GLU A 377 5.70 25.09 26.95
CA GLU A 377 4.42 25.40 27.57
C GLU A 377 3.46 25.96 26.52
N THR A 378 2.17 25.73 26.73
CA THR A 378 1.14 26.19 25.80
C THR A 378 1.16 27.72 25.70
N THR A 379 1.59 28.23 24.56
CA THR A 379 1.72 29.66 24.33
C THR A 379 0.63 30.12 23.37
N ASP A 380 -0.20 31.05 23.82
CA ASP A 380 -1.24 31.63 22.97
C ASP A 380 -0.63 32.69 22.06
N ARG A 381 -0.87 32.56 20.76
CA ARG A 381 -0.26 33.45 19.79
C ARG A 381 -1.04 33.35 18.47
N GLU A 382 -1.22 34.50 17.82
CA GLU A 382 -1.88 34.56 16.52
C GLU A 382 -0.89 34.11 15.44
N LEU A 383 -1.16 32.97 14.82
CA LEU A 383 -0.32 32.44 13.76
C LEU A 383 -0.92 32.74 12.40
N THR A 384 -0.05 32.81 11.38
CA THR A 384 -0.50 32.93 10.00
C THR A 384 0.06 31.86 9.08
N THR A 385 1.16 31.19 9.44
CA THR A 385 1.73 30.14 8.61
C THR A 385 2.33 29.06 9.50
N VAL A 386 2.01 27.80 9.22
CA VAL A 386 2.50 26.67 9.99
C VAL A 386 3.14 25.66 9.04
N MET A 387 3.82 24.68 9.62
CA MET A 387 4.57 23.69 8.87
C MET A 387 4.62 22.38 9.66
N SER A 388 4.42 21.27 8.98
N SER A 388 4.42 21.27 8.98
CA SER A 388 4.48 19.94 9.59
CA SER A 388 4.47 19.95 9.59
C SER A 388 5.37 19.04 8.74
C SER A 388 5.35 19.03 8.75
N ASN A 389 6.36 18.44 9.38
CA ASN A 389 7.27 17.52 8.72
C ASN A 389 6.85 16.07 8.95
N SER A 390 7.23 15.19 8.03
CA SER A 390 6.91 13.78 8.13
C SER A 390 7.98 12.99 7.38
N PHE A 391 8.66 12.10 8.09
CA PHE A 391 9.70 11.25 7.51
C PHE A 391 9.28 9.79 7.61
N GLY A 392 9.97 8.95 6.86
CA GLY A 392 9.64 7.53 6.86
C GLY A 392 10.82 6.67 6.44
N PHE A 393 10.69 5.38 6.71
CA PHE A 393 11.70 4.42 6.30
C PHE A 393 11.89 4.47 4.79
N GLY A 394 13.13 4.29 4.35
CA GLY A 394 13.47 4.46 2.96
C GLY A 394 14.02 5.82 2.59
N GLY A 395 14.22 6.71 3.56
CA GLY A 395 14.72 8.03 3.26
C GLY A 395 13.73 8.94 2.56
N THR A 396 12.43 8.69 2.73
CA THR A 396 11.40 9.49 2.08
C THR A 396 10.92 10.59 3.02
N ASN A 397 10.61 11.75 2.45
CA ASN A 397 10.26 12.93 3.22
C ASN A 397 9.04 13.61 2.64
N ALA A 398 8.28 14.29 3.50
CA ALA A 398 7.09 15.03 3.09
C ALA A 398 6.96 16.26 3.98
N THR A 399 6.55 17.38 3.37
CA THR A 399 6.41 18.65 4.08
C THR A 399 5.20 19.39 3.56
N LEU A 400 4.40 19.93 4.47
CA LEU A 400 3.21 20.71 4.12
C LEU A 400 3.28 22.07 4.79
N VAL A 401 2.87 23.11 4.06
CA VAL A 401 2.81 24.47 4.57
C VAL A 401 1.37 24.96 4.43
N MET A 402 0.82 25.50 5.52
CA MET A 402 -0.55 25.97 5.56
C MET A 402 -0.59 27.41 6.03
N ARG A 403 -1.43 28.22 5.40
CA ARG A 403 -1.49 29.65 5.66
C ARG A 403 -2.94 30.13 5.62
N LYS A 404 -3.27 31.05 6.52
CA LYS A 404 -4.60 31.65 6.51
C LYS A 404 -4.83 32.46 5.24
N LEU A 405 -6.08 32.56 4.84
CA LEU A 405 -6.47 33.42 3.72
C LEU A 405 -6.73 34.83 4.25
N LYS A 406 -6.04 35.80 3.69
CA LYS A 406 -6.20 37.19 4.12
C LYS A 406 -5.86 38.15 2.98
N VAL B 1 4.25 25.64 -20.49
CA VAL B 1 3.52 24.79 -21.42
C VAL B 1 2.98 23.56 -20.71
N SER B 2 2.47 22.60 -21.50
CA SER B 2 1.83 21.42 -20.92
C SER B 2 2.83 20.37 -20.45
N LYS B 3 4.01 20.31 -21.09
CA LYS B 3 5.06 19.34 -20.80
C LYS B 3 4.62 17.92 -21.15
N ARG B 4 5.29 17.32 -22.13
CA ARG B 4 4.95 15.99 -22.61
C ARG B 4 5.87 14.95 -21.99
N ALA B 5 5.37 13.72 -21.87
CA ALA B 5 6.09 12.62 -21.24
C ALA B 5 6.22 11.45 -22.21
N VAL B 6 7.37 10.78 -22.18
CA VAL B 6 7.68 9.69 -23.08
C VAL B 6 8.27 8.54 -22.28
N ILE B 7 8.32 7.37 -22.91
CA ILE B 7 8.92 6.16 -22.34
C ILE B 7 10.26 5.94 -23.03
N THR B 8 11.34 5.92 -22.25
CA THR B 8 12.68 5.80 -22.80
C THR B 8 13.38 4.51 -22.38
N GLY B 9 12.72 3.65 -21.60
CA GLY B 9 13.34 2.41 -21.16
C GLY B 9 12.38 1.55 -20.36
N LEU B 10 12.55 0.23 -20.45
CA LEU B 10 11.65 -0.69 -19.75
C LEU B 10 12.42 -1.91 -19.29
N GLY B 11 11.88 -2.55 -18.25
CA GLY B 11 12.43 -3.77 -17.71
C GLY B 11 11.34 -4.65 -17.13
N ILE B 12 11.46 -5.96 -17.28
CA ILE B 12 10.35 -6.85 -16.92
C ILE B 12 10.92 -8.18 -16.44
N VAL B 13 10.30 -8.74 -15.40
CA VAL B 13 10.54 -10.10 -14.93
C VAL B 13 9.17 -10.71 -14.72
N SER B 14 8.68 -11.46 -15.70
CA SER B 14 7.35 -12.05 -15.64
C SER B 14 7.44 -13.54 -15.90
N SER B 15 6.29 -14.20 -15.87
CA SER B 15 6.24 -15.66 -16.07
C SER B 15 6.51 -16.07 -17.51
N ILE B 16 6.57 -15.13 -18.45
CA ILE B 16 6.83 -15.43 -19.85
C ILE B 16 8.19 -14.90 -20.30
N GLY B 17 9.01 -14.39 -19.39
CA GLY B 17 10.32 -13.90 -19.76
C GLY B 17 11.01 -13.11 -18.67
N ASN B 18 12.33 -13.23 -18.59
CA ASN B 18 13.13 -12.50 -17.59
C ASN B 18 13.67 -11.19 -18.13
N ASN B 19 13.35 -10.83 -19.37
CA ASN B 19 13.71 -9.54 -19.94
C ASN B 19 12.85 -9.32 -21.18
N GLN B 20 12.96 -8.11 -21.75
CA GLN B 20 12.07 -7.75 -22.86
C GLN B 20 12.31 -8.59 -24.11
N GLN B 21 13.50 -9.17 -24.26
N GLN B 21 13.50 -9.17 -24.26
CA GLN B 21 13.75 -10.04 -25.41
CA GLN B 21 13.75 -10.04 -25.41
C GLN B 21 13.06 -11.38 -25.24
C GLN B 21 13.06 -11.38 -25.24
N GLU B 22 13.20 -11.99 -24.06
CA GLU B 22 12.51 -13.25 -23.81
C GLU B 22 11.00 -13.07 -23.78
N VAL B 23 10.52 -11.93 -23.29
CA VAL B 23 9.10 -11.64 -23.30
C VAL B 23 8.61 -11.46 -24.74
N LEU B 24 9.42 -10.80 -25.58
CA LEU B 24 9.03 -10.60 -26.97
C LEU B 24 8.87 -11.93 -27.70
N ALA B 25 9.74 -12.89 -27.41
CA ALA B 25 9.63 -14.20 -28.05
C ALA B 25 8.36 -14.93 -27.60
N SER B 26 8.06 -14.88 -26.31
CA SER B 26 6.87 -15.57 -25.81
C SER B 26 5.59 -14.93 -26.35
N LEU B 27 5.58 -13.60 -26.47
CA LEU B 27 4.39 -12.91 -26.96
C LEU B 27 4.10 -13.29 -28.42
N ARG B 28 5.15 -13.44 -29.23
N ARG B 28 5.15 -13.41 -29.24
CA ARG B 28 4.94 -13.78 -30.63
CA ARG B 28 4.96 -13.79 -30.64
C ARG B 28 4.47 -15.23 -30.79
C ARG B 28 4.44 -15.22 -30.74
N GLU B 29 5.06 -16.15 -30.02
CA GLU B 29 4.67 -17.55 -30.09
C GLU B 29 3.42 -17.86 -29.29
N GLY B 30 2.95 -16.94 -28.45
CA GLY B 30 1.81 -17.21 -27.61
C GLY B 30 2.03 -18.31 -26.60
N ARG B 31 3.24 -18.38 -26.03
CA ARG B 31 3.57 -19.43 -25.08
C ARG B 31 3.07 -19.05 -23.69
N SER B 32 2.45 -20.02 -23.02
N SER B 32 2.45 -20.02 -23.01
CA SER B 32 1.90 -19.79 -21.69
CA SER B 32 1.90 -19.79 -21.69
C SER B 32 3.00 -19.84 -20.63
C SER B 32 2.99 -19.86 -20.63
N GLY B 33 2.79 -19.09 -19.56
CA GLY B 33 3.68 -19.12 -18.41
C GLY B 33 3.12 -19.80 -17.20
N ILE B 34 1.95 -20.43 -17.31
CA ILE B 34 1.29 -21.08 -16.18
C ILE B 34 1.84 -22.49 -16.03
N THR B 35 2.19 -22.85 -14.80
CA THR B 35 2.73 -24.17 -14.51
C THR B 35 2.07 -24.73 -13.25
N PHE B 36 2.23 -26.04 -13.07
CA PHE B 36 1.72 -26.69 -11.88
C PHE B 36 2.53 -26.27 -10.65
N SER B 37 1.85 -26.18 -9.51
CA SER B 37 2.45 -25.68 -8.28
C SER B 37 2.25 -26.70 -7.17
N GLN B 38 3.34 -27.33 -6.73
CA GLN B 38 3.26 -28.23 -5.59
C GLN B 38 3.00 -27.48 -4.29
N GLU B 39 3.48 -26.24 -4.19
CA GLU B 39 3.27 -25.46 -2.98
C GLU B 39 1.79 -25.15 -2.76
N LEU B 40 1.06 -24.81 -3.83
CA LEU B 40 -0.36 -24.54 -3.71
C LEU B 40 -1.15 -25.79 -3.34
N LYS B 41 -0.67 -26.97 -3.75
CA LYS B 41 -1.37 -28.21 -3.43
C LYS B 41 -1.11 -28.65 -2.00
N ASP B 42 0.13 -28.54 -1.52
CA ASP B 42 0.45 -28.98 -0.17
C ASP B 42 -0.20 -28.10 0.88
N SER B 43 -0.41 -26.81 0.56
CA SER B 43 -1.02 -25.90 1.53
C SER B 43 -2.51 -26.16 1.72
N GLY B 44 -3.13 -26.97 0.87
CA GLY B 44 -4.54 -27.29 1.01
C GLY B 44 -5.48 -26.50 0.13
N MET B 45 -4.98 -25.85 -0.92
CA MET B 45 -5.82 -25.06 -1.80
C MET B 45 -6.51 -25.95 -2.83
N ARG B 46 -7.46 -25.36 -3.55
CA ARG B 46 -8.12 -26.05 -4.66
C ARG B 46 -7.44 -25.77 -5.99
N SER B 47 -6.88 -24.57 -6.16
CA SER B 47 -6.15 -24.21 -7.38
C SER B 47 -4.70 -24.64 -7.24
N HIS B 48 -4.19 -25.34 -8.26
CA HIS B 48 -2.83 -25.87 -8.23
C HIS B 48 -1.97 -25.33 -9.37
N VAL B 49 -2.33 -24.18 -9.93
CA VAL B 49 -1.59 -23.59 -11.04
C VAL B 49 -1.27 -22.14 -10.70
N TRP B 50 -0.16 -21.65 -11.24
CA TRP B 50 0.24 -20.27 -11.01
C TRP B 50 1.19 -19.83 -12.12
N GLY B 51 1.32 -18.51 -12.27
CA GLY B 51 2.27 -17.93 -13.18
C GLY B 51 3.55 -17.52 -12.47
N ASN B 52 4.46 -18.47 -12.29
CA ASN B 52 5.65 -18.25 -11.47
C ASN B 52 6.78 -17.64 -12.29
N VAL B 53 7.68 -16.96 -11.58
CA VAL B 53 8.89 -16.42 -12.18
C VAL B 53 9.93 -17.53 -12.24
N LYS B 54 10.26 -17.97 -13.45
CA LYS B 54 11.20 -19.08 -13.63
C LYS B 54 12.63 -18.54 -13.56
N LEU B 55 13.02 -18.15 -12.34
CA LEU B 55 14.32 -17.56 -12.10
C LEU B 55 14.64 -17.63 -10.61
N ASP B 56 15.81 -18.13 -10.27
CA ASP B 56 16.27 -18.13 -8.89
C ASP B 56 16.97 -16.81 -8.62
N THR B 57 16.64 -16.19 -7.48
CA THR B 57 17.14 -14.88 -7.15
C THR B 57 18.21 -14.91 -6.06
N THR B 58 18.66 -16.10 -5.68
CA THR B 58 19.67 -16.23 -4.62
C THR B 58 20.99 -15.66 -5.13
N GLY B 59 21.43 -14.55 -4.53
CA GLY B 59 22.72 -13.97 -4.83
C GLY B 59 22.74 -12.94 -5.93
N LEU B 60 21.61 -12.71 -6.62
CA LEU B 60 21.61 -11.74 -7.71
C LEU B 60 21.76 -10.30 -7.22
N ILE B 61 21.40 -10.02 -5.97
CA ILE B 61 21.47 -8.67 -5.42
C ILE B 61 22.42 -8.67 -4.22
N ASP B 62 23.08 -7.54 -4.03
CA ASP B 62 24.07 -7.41 -2.96
C ASP B 62 23.43 -7.68 -1.60
N ARG B 63 24.24 -8.18 -0.67
CA ARG B 63 23.73 -8.58 0.63
C ARG B 63 23.24 -7.38 1.44
N LYS B 64 23.94 -6.25 1.33
CA LYS B 64 23.59 -5.09 2.14
C LYS B 64 22.23 -4.50 1.76
N VAL B 65 21.71 -4.80 0.58
CA VAL B 65 20.43 -4.27 0.14
C VAL B 65 19.35 -5.34 0.02
N VAL B 66 19.72 -6.62 -0.16
CA VAL B 66 18.73 -7.68 -0.24
C VAL B 66 18.24 -8.11 1.14
N ARG B 67 18.92 -7.67 2.20
CA ARG B 67 18.53 -8.04 3.56
C ARG B 67 17.19 -7.43 3.98
N PHE B 68 16.73 -6.39 3.28
CA PHE B 68 15.46 -5.75 3.58
C PHE B 68 14.38 -6.11 2.59
N MET B 69 14.67 -6.93 1.59
CA MET B 69 13.81 -7.09 0.43
C MET B 69 13.00 -8.38 0.52
N SER B 70 11.71 -8.27 0.24
CA SER B 70 10.86 -9.42 -0.02
C SER B 70 10.92 -9.74 -1.51
N ASP B 71 10.10 -10.69 -1.97
CA ASP B 71 10.13 -11.06 -3.38
C ASP B 71 9.60 -9.93 -4.27
N ALA B 72 8.61 -9.17 -3.79
CA ALA B 72 8.07 -8.09 -4.60
C ALA B 72 9.12 -7.03 -4.90
N SER B 73 9.95 -6.69 -3.92
N SER B 73 9.95 -6.69 -3.92
CA SER B 73 11.00 -5.70 -4.14
CA SER B 73 11.00 -5.70 -4.13
C SER B 73 12.14 -6.28 -4.97
C SER B 73 12.19 -6.27 -4.89
N ILE B 74 12.34 -7.59 -4.92
CA ILE B 74 13.43 -8.19 -5.69
C ILE B 74 13.12 -8.19 -7.18
N TYR B 75 11.89 -8.57 -7.54
CA TYR B 75 11.50 -8.55 -8.94
C TYR B 75 11.52 -7.14 -9.51
N ALA B 76 11.08 -6.16 -8.71
CA ALA B 76 11.10 -4.77 -9.17
C ALA B 76 12.51 -4.22 -9.24
N PHE B 77 13.40 -4.67 -8.34
CA PHE B 77 14.80 -4.24 -8.41
C PHE B 77 15.47 -4.75 -9.67
N LEU B 78 15.28 -6.02 -10.00
CA LEU B 78 15.86 -6.57 -11.22
C LEU B 78 15.25 -5.95 -12.46
N SER B 79 13.99 -5.52 -12.38
CA SER B 79 13.38 -4.86 -13.53
C SER B 79 13.93 -3.46 -13.72
N MET B 80 14.22 -2.75 -12.62
CA MET B 80 14.73 -1.39 -12.76
C MET B 80 16.17 -1.40 -13.26
N GLU B 81 16.95 -2.42 -12.89
CA GLU B 81 18.29 -2.56 -13.44
C GLU B 81 18.24 -2.67 -14.96
N GLN B 82 17.25 -3.40 -15.48
CA GLN B 82 17.08 -3.52 -16.92
C GLN B 82 16.66 -2.19 -17.53
N ALA B 83 15.72 -1.49 -16.89
CA ALA B 83 15.21 -0.23 -17.45
C ALA B 83 16.29 0.86 -17.45
N ILE B 84 17.15 0.86 -16.43
CA ILE B 84 18.23 1.85 -16.39
C ILE B 84 19.21 1.62 -17.54
N ALA B 85 19.57 0.36 -17.79
CA ALA B 85 20.51 0.06 -18.85
C ALA B 85 19.88 0.24 -20.23
N ASP B 86 18.59 -0.09 -20.36
CA ASP B 86 17.91 0.08 -21.65
C ASP B 86 17.77 1.55 -22.01
N ALA B 87 17.54 2.41 -21.03
CA ALA B 87 17.44 3.85 -21.26
C ALA B 87 18.80 4.50 -21.43
N GLY B 88 19.90 3.76 -21.26
CA GLY B 88 21.21 4.33 -21.40
C GLY B 88 21.59 5.36 -20.36
N LEU B 89 20.95 5.32 -19.19
CA LEU B 89 21.21 6.29 -18.14
C LEU B 89 22.47 5.89 -17.37
N SER B 90 23.51 6.71 -17.46
CA SER B 90 24.71 6.50 -16.68
C SER B 90 24.44 6.82 -15.21
N PRO B 91 25.26 6.29 -14.29
CA PRO B 91 25.02 6.56 -12.86
C PRO B 91 25.03 8.05 -12.51
N GLU B 92 25.96 8.82 -13.08
CA GLU B 92 26.00 10.25 -12.80
C GLU B 92 24.86 11.02 -13.47
N ALA B 93 23.98 10.35 -14.20
CA ALA B 93 22.85 11.01 -14.84
C ALA B 93 21.55 10.85 -14.07
N TYR B 94 21.44 9.85 -13.20
CA TYR B 94 20.23 9.62 -12.42
C TYR B 94 20.44 9.51 -10.92
N GLN B 95 21.68 9.37 -10.45
CA GLN B 95 21.95 9.25 -9.03
C GLN B 95 22.22 10.61 -8.42
N ASN B 96 21.78 10.78 -7.17
CA ASN B 96 21.95 12.02 -6.41
C ASN B 96 21.39 13.22 -7.18
N ASN B 97 20.28 12.99 -7.87
CA ASN B 97 19.64 14.00 -8.72
C ASN B 97 18.27 14.32 -8.16
N PRO B 98 18.02 15.56 -7.72
N PRO B 98 18.01 15.57 -7.73
CA PRO B 98 16.68 15.90 -7.20
CA PRO B 98 16.68 15.90 -7.20
C PRO B 98 15.58 15.80 -8.25
C PRO B 98 15.58 15.83 -8.25
N ARG B 99 15.92 15.88 -9.53
CA ARG B 99 14.94 15.82 -10.61
C ARG B 99 14.60 14.39 -11.03
N VAL B 100 15.05 13.39 -10.29
CA VAL B 100 14.83 11.99 -10.63
C VAL B 100 14.13 11.30 -9.46
N GLY B 101 12.99 10.67 -9.74
CA GLY B 101 12.17 10.06 -8.70
C GLY B 101 11.79 8.64 -9.04
N LEU B 102 11.01 8.05 -8.13
CA LEU B 102 10.60 6.65 -8.24
C LEU B 102 9.23 6.48 -7.59
N ILE B 103 8.31 5.87 -8.34
CA ILE B 103 6.96 5.56 -7.84
C ILE B 103 6.67 4.11 -8.21
N ALA B 104 6.82 3.21 -7.25
CA ALA B 104 6.57 1.79 -7.46
C ALA B 104 5.86 1.22 -6.25
N GLY B 105 4.89 0.33 -6.49
CA GLY B 105 4.09 -0.22 -5.42
C GLY B 105 3.71 -1.66 -5.68
N SER B 106 3.31 -2.33 -4.62
CA SER B 106 2.82 -3.71 -4.67
C SER B 106 1.38 -3.75 -4.19
N GLY B 107 0.73 -4.89 -4.40
CA GLY B 107 -0.66 -5.03 -4.02
C GLY B 107 -0.87 -5.02 -2.52
N GLY B 108 0.01 -5.69 -1.78
CA GLY B 108 -0.11 -5.76 -0.34
C GLY B 108 1.15 -6.23 0.37
N GLY B 109 2.29 -5.71 -0.03
CA GLY B 109 3.55 -6.03 0.62
C GLY B 109 3.97 -7.47 0.47
N SER B 110 4.00 -8.21 1.59
CA SER B 110 4.45 -9.60 1.57
C SER B 110 3.79 -10.34 2.73
N PRO B 111 2.66 -11.01 2.46
CA PRO B 111 2.04 -11.82 3.52
C PRO B 111 2.92 -12.93 4.04
N ARG B 112 3.88 -13.41 3.25
CA ARG B 112 4.75 -14.49 3.69
C ARG B 112 5.55 -14.07 4.92
N PHE B 113 6.24 -12.94 4.83
CA PHE B 113 7.00 -12.45 5.98
C PHE B 113 6.09 -11.91 7.09
N GLN B 114 4.86 -11.53 6.74
CA GLN B 114 3.88 -11.18 7.77
C GLN B 114 3.56 -12.38 8.65
N VAL B 115 3.29 -13.52 8.03
CA VAL B 115 2.98 -14.73 8.78
C VAL B 115 4.23 -15.28 9.47
N PHE B 116 5.39 -15.14 8.84
CA PHE B 116 6.63 -15.61 9.45
C PHE B 116 6.93 -14.84 10.73
N GLY B 117 6.65 -13.55 10.75
CA GLY B 117 6.94 -12.76 11.93
C GLY B 117 6.09 -13.16 13.13
N ALA B 118 4.82 -13.50 12.89
CA ALA B 118 3.95 -13.93 13.97
C ALA B 118 4.27 -15.33 14.46
N ASP B 119 4.72 -16.21 13.55
CA ASP B 119 5.06 -17.58 13.96
C ASP B 119 6.27 -17.59 14.88
N ALA B 120 7.26 -16.74 14.61
CA ALA B 120 8.46 -16.70 15.45
C ALA B 120 8.17 -16.06 16.80
N MET B 121 7.28 -15.06 16.84
CA MET B 121 6.94 -14.40 18.09
C MET B 121 6.34 -15.39 19.08
N ARG B 122 5.27 -16.08 18.67
CA ARG B 122 4.59 -17.01 19.56
C ARG B 122 5.40 -18.27 19.84
N GLY B 123 6.52 -18.47 19.16
CA GLY B 123 7.32 -19.64 19.37
C GLY B 123 8.09 -19.59 20.69
N PRO B 124 8.91 -20.61 20.92
CA PRO B 124 9.68 -20.65 22.17
C PRO B 124 10.79 -19.60 22.22
N ARG B 125 11.34 -19.21 21.08
CA ARG B 125 12.40 -18.20 21.08
C ARG B 125 11.86 -16.84 21.48
N GLY B 126 10.71 -16.46 20.93
CA GLY B 126 10.12 -15.16 21.22
C GLY B 126 10.60 -14.12 20.23
N LEU B 127 10.99 -12.95 20.72
CA LEU B 127 11.52 -11.89 19.87
C LEU B 127 12.86 -12.27 19.25
N LYS B 128 13.56 -13.24 19.83
CA LYS B 128 14.89 -13.61 19.34
C LYS B 128 14.84 -14.26 17.97
N ALA B 129 13.68 -14.76 17.55
CA ALA B 129 13.53 -15.39 16.24
C ALA B 129 12.81 -14.50 15.22
N VAL B 130 12.44 -13.28 15.61
CA VAL B 130 11.71 -12.41 14.69
C VAL B 130 12.66 -11.77 13.68
N GLY B 131 13.73 -11.15 14.16
CA GLY B 131 14.67 -10.48 13.30
C GLY B 131 14.29 -9.04 13.06
N PRO B 132 15.30 -8.20 12.77
CA PRO B 132 15.03 -6.76 12.61
C PRO B 132 14.75 -6.36 11.17
N TYR B 133 14.36 -7.32 10.32
CA TYR B 133 14.17 -7.06 8.91
C TYR B 133 12.75 -7.29 8.41
N VAL B 134 11.83 -7.72 9.28
CA VAL B 134 10.48 -8.05 8.82
C VAL B 134 9.70 -6.79 8.48
N VAL B 135 10.01 -5.67 9.14
CA VAL B 135 9.25 -4.44 8.92
C VAL B 135 9.38 -3.98 7.47
N THR B 136 10.61 -3.92 6.96
CA THR B 136 10.83 -3.48 5.59
C THR B 136 10.29 -4.46 4.56
N LYS B 137 10.17 -5.75 4.92
CA LYS B 137 9.67 -6.76 4.00
C LYS B 137 8.15 -6.86 3.99
N ALA B 138 7.49 -6.44 5.06
CA ALA B 138 6.04 -6.64 5.19
C ALA B 138 5.22 -5.38 4.95
N MET B 139 5.84 -4.21 4.96
CA MET B 139 5.09 -2.98 4.78
C MET B 139 4.68 -2.79 3.32
N ALA B 140 3.75 -1.85 3.11
CA ALA B 140 3.21 -1.63 1.77
C ALA B 140 4.16 -0.85 0.87
N SER B 141 4.95 0.06 1.44
CA SER B 141 5.90 0.84 0.67
C SER B 141 7.29 0.19 0.61
N GLY B 142 7.37 -1.12 0.85
CA GLY B 142 8.66 -1.79 0.81
C GLY B 142 9.32 -1.76 -0.56
N VAL B 143 8.51 -1.76 -1.63
CA VAL B 143 9.07 -1.74 -2.97
C VAL B 143 9.76 -0.40 -3.24
N SER B 144 9.14 0.70 -2.81
CA SER B 144 9.74 2.01 -3.04
C SER B 144 10.89 2.28 -2.07
N ALA B 145 10.77 1.80 -0.83
CA ALA B 145 11.82 2.06 0.15
C ALA B 145 13.08 1.25 -0.14
N CYS B 146 12.92 -0.01 -0.53
CA CYS B 146 14.06 -0.87 -0.77
C CYS B 146 14.79 -0.55 -2.06
N LEU B 147 14.17 0.21 -2.96
CA LEU B 147 14.77 0.53 -4.25
C LEU B 147 15.34 1.93 -4.33
N ALA B 148 14.73 2.90 -3.65
CA ALA B 148 15.22 4.27 -3.72
C ALA B 148 16.59 4.41 -3.05
N THR B 149 16.89 3.56 -2.06
CA THR B 149 18.15 3.70 -1.33
C THR B 149 19.35 3.26 -2.16
N PRO B 150 19.39 2.03 -2.71
CA PRO B 150 20.61 1.62 -3.43
C PRO B 150 20.82 2.39 -4.73
N PHE B 151 19.75 2.85 -5.37
CA PHE B 151 19.86 3.61 -6.61
C PHE B 151 20.01 5.11 -6.38
N LYS B 152 20.08 5.54 -5.11
CA LYS B 152 20.38 6.92 -4.76
C LYS B 152 19.39 7.91 -5.39
N ILE B 153 18.10 7.55 -5.33
CA ILE B 153 17.07 8.44 -5.82
C ILE B 153 16.89 9.60 -4.85
N HIS B 154 16.88 10.82 -5.38
CA HIS B 154 16.72 12.01 -4.56
C HIS B 154 15.37 12.70 -4.72
N GLY B 155 14.62 12.41 -5.78
CA GLY B 155 13.35 13.05 -6.03
C GLY B 155 12.21 12.40 -5.26
N VAL B 156 11.03 12.40 -5.90
CA VAL B 156 9.85 11.83 -5.25
C VAL B 156 10.03 10.33 -5.07
N ASN B 157 9.41 9.79 -4.01
CA ASN B 157 9.61 8.39 -3.65
C ASN B 157 8.46 7.96 -2.74
N TYR B 158 7.49 7.24 -3.30
CA TYR B 158 6.44 6.62 -2.51
C TYR B 158 5.84 5.47 -3.30
N SER B 159 4.95 4.73 -2.64
CA SER B 159 4.27 3.59 -3.23
C SER B 159 2.78 3.86 -3.35
N ILE B 160 2.18 3.33 -4.42
N ILE B 160 2.18 3.33 -4.42
CA ILE B 160 0.74 3.45 -4.67
CA ILE B 160 0.75 3.43 -4.67
C ILE B 160 0.15 2.04 -4.59
C ILE B 160 0.15 2.04 -4.59
N SER B 161 -1.04 1.94 -3.99
CA SER B 161 -1.74 0.67 -3.86
C SER B 161 -3.17 0.84 -4.32
N SER B 162 -3.60 -0.01 -5.24
CA SER B 162 -4.98 0.02 -5.73
C SER B 162 -5.34 -1.32 -6.36
N ALA B 163 -5.06 -2.41 -5.64
CA ALA B 163 -5.42 -3.77 -6.04
C ALA B 163 -4.75 -4.10 -7.36
N CYS B 164 -5.48 -4.44 -8.42
CA CYS B 164 -4.88 -4.84 -9.69
C CYS B 164 -4.58 -3.68 -10.61
N ALA B 165 -5.05 -2.47 -10.29
CA ALA B 165 -4.68 -1.27 -11.04
C ALA B 165 -3.46 -0.57 -10.46
N THR B 166 -2.75 -1.23 -9.53
CA THR B 166 -1.66 -0.64 -8.77
C THR B 166 -0.61 0.02 -9.65
N SER B 167 0.15 -0.78 -10.41
CA SER B 167 1.25 -0.23 -11.18
C SER B 167 0.77 0.64 -12.34
N ALA B 168 -0.50 0.54 -12.72
CA ALA B 168 -1.05 1.47 -13.70
C ALA B 168 -1.16 2.87 -13.14
N HIS B 169 -1.64 3.00 -11.90
CA HIS B 169 -1.72 4.31 -11.26
C HIS B 169 -0.33 4.89 -11.02
N CYS B 170 0.67 4.05 -10.79
CA CYS B 170 2.03 4.54 -10.60
C CYS B 170 2.54 5.24 -11.86
N ILE B 171 2.28 4.65 -13.03
CA ILE B 171 2.72 5.27 -14.29
C ILE B 171 1.97 6.57 -14.53
N GLY B 172 0.65 6.56 -14.32
CA GLY B 172 -0.12 7.79 -14.46
C GLY B 172 0.34 8.87 -13.51
N ASN B 173 0.68 8.48 -12.28
N ASN B 173 0.70 8.48 -12.29
CA ASN B 173 1.21 9.43 -11.31
CA ASN B 173 1.21 9.46 -11.33
C ASN B 173 2.56 9.98 -11.74
C ASN B 173 2.58 9.97 -11.71
N ALA B 174 3.37 9.17 -12.42
CA ALA B 174 4.66 9.64 -12.92
C ALA B 174 4.47 10.69 -14.00
N VAL B 175 3.54 10.44 -14.93
CA VAL B 175 3.26 11.41 -15.98
C VAL B 175 2.81 12.74 -15.38
N GLU B 176 2.08 12.68 -14.26
CA GLU B 176 1.63 13.91 -13.62
C GLU B 176 2.80 14.70 -13.03
N GLN B 177 3.81 14.00 -12.50
CA GLN B 177 4.99 14.70 -11.97
C GLN B 177 5.75 15.38 -13.09
N ILE B 178 5.84 14.75 -14.26
CA ILE B 178 6.50 15.38 -15.40
C ILE B 178 5.67 16.57 -15.90
N GLN B 179 4.34 16.40 -15.96
CA GLN B 179 3.50 17.49 -16.45
C GLN B 179 3.54 18.69 -15.51
N LEU B 180 3.57 18.45 -14.20
CA LEU B 180 3.65 19.53 -13.23
C LEU B 180 5.03 20.17 -13.17
N GLY B 181 6.00 19.67 -13.95
CA GLY B 181 7.34 20.22 -13.93
C GLY B 181 8.13 19.91 -12.68
N LYS B 182 7.67 18.95 -11.87
N LYS B 182 7.68 18.94 -11.87
CA LYS B 182 8.36 18.60 -10.64
CA LYS B 182 8.37 18.62 -10.63
C LYS B 182 9.58 17.73 -10.90
C LYS B 182 9.51 17.63 -10.82
N GLN B 183 9.49 16.83 -11.87
CA GLN B 183 10.55 15.86 -12.15
C GLN B 183 10.87 15.85 -13.63
N ASP B 184 12.08 15.39 -13.95
CA ASP B 184 12.49 15.11 -15.32
C ASP B 184 12.51 13.63 -15.65
N ILE B 185 12.81 12.78 -14.67
CA ILE B 185 12.82 11.33 -14.82
C ILE B 185 12.10 10.73 -13.62
N VAL B 186 11.19 9.80 -13.88
CA VAL B 186 10.52 9.05 -12.80
C VAL B 186 10.48 7.59 -13.21
N PHE B 187 11.07 6.73 -12.40
CA PHE B 187 10.93 5.29 -12.58
C PHE B 187 9.59 4.85 -12.00
N ALA B 188 8.80 4.15 -12.82
CA ALA B 188 7.45 3.75 -12.44
C ALA B 188 7.26 2.27 -12.75
N GLY B 189 6.69 1.55 -11.79
CA GLY B 189 6.42 0.14 -11.96
C GLY B 189 5.88 -0.52 -10.70
N GLY B 190 6.31 -1.75 -10.43
CA GLY B 190 5.85 -2.46 -9.26
C GLY B 190 6.28 -3.91 -9.32
N GLY B 191 5.91 -4.63 -8.26
CA GLY B 191 6.22 -6.04 -8.16
C GLY B 191 5.21 -6.75 -7.27
N GLU B 192 5.25 -8.07 -7.33
CA GLU B 192 4.36 -8.89 -6.53
C GLU B 192 5.01 -10.24 -6.27
N GLU B 193 4.88 -10.72 -5.04
CA GLU B 193 5.36 -12.05 -4.71
C GLU B 193 4.25 -13.08 -4.99
N LEU B 194 4.66 -14.35 -5.00
CA LEU B 194 3.75 -15.46 -5.29
C LEU B 194 3.92 -16.50 -4.18
N CYS B 195 2.91 -16.62 -3.33
CA CYS B 195 2.99 -17.50 -2.18
C CYS B 195 1.60 -18.02 -1.84
N TRP B 196 1.57 -19.11 -1.08
CA TRP B 196 0.29 -19.68 -0.67
C TRP B 196 -0.40 -18.80 0.37
N GLU B 197 0.37 -18.03 1.15
CA GLU B 197 -0.23 -17.16 2.15
C GLU B 197 -1.14 -16.12 1.51
N MET B 198 -0.76 -15.61 0.35
CA MET B 198 -1.54 -14.61 -0.36
C MET B 198 -2.58 -15.22 -1.28
N ALA B 199 -2.29 -16.37 -1.89
CA ALA B 199 -3.22 -16.99 -2.84
C ALA B 199 -4.36 -17.73 -2.17
N CYS B 200 -4.17 -18.18 -0.92
CA CYS B 200 -5.20 -18.99 -0.24
C CYS B 200 -6.46 -18.20 0.03
N GLU B 201 -6.31 -16.92 0.34
CA GLU B 201 -7.47 -16.08 0.62
C GLU B 201 -8.26 -15.76 -0.64
N PHE B 202 -7.59 -15.72 -1.81
CA PHE B 202 -8.33 -15.64 -3.06
C PHE B 202 -9.13 -16.91 -3.31
N ASP B 203 -8.56 -18.06 -2.95
CA ASP B 203 -9.26 -19.33 -3.12
C ASP B 203 -10.45 -19.44 -2.18
N ALA B 204 -10.36 -18.84 -0.99
CA ALA B 204 -11.50 -18.85 -0.07
C ALA B 204 -12.67 -18.06 -0.62
N MET B 205 -12.41 -16.99 -1.36
CA MET B 205 -13.47 -16.25 -2.03
C MET B 205 -14.02 -16.97 -3.25
N GLY B 206 -13.32 -17.99 -3.73
CA GLY B 206 -13.77 -18.72 -4.91
C GLY B 206 -13.54 -18.01 -6.22
N ALA B 207 -12.39 -17.34 -6.37
CA ALA B 207 -12.08 -16.58 -7.57
C ALA B 207 -10.97 -17.19 -8.41
N LEU B 208 -10.30 -18.23 -7.91
CA LEU B 208 -9.21 -18.85 -8.64
C LEU B 208 -9.69 -20.03 -9.48
N SER B 209 -8.94 -20.33 -10.53
CA SER B 209 -9.28 -21.42 -11.44
C SER B 209 -8.88 -22.75 -10.80
N THR B 210 -9.86 -23.63 -10.60
CA THR B 210 -9.64 -24.91 -9.94
C THR B 210 -10.06 -26.10 -10.78
N LYS B 211 -10.47 -25.88 -12.04
CA LYS B 211 -10.96 -26.96 -12.88
C LYS B 211 -9.98 -27.41 -13.95
N TYR B 212 -8.84 -26.74 -14.08
CA TYR B 212 -7.83 -27.08 -15.10
C TYR B 212 -6.48 -27.32 -14.45
N ASN B 213 -6.47 -28.00 -13.30
CA ASN B 213 -5.21 -28.24 -12.60
C ASN B 213 -4.36 -29.29 -13.29
N ASP B 214 -4.99 -30.22 -14.02
CA ASP B 214 -4.24 -31.26 -14.71
C ASP B 214 -3.61 -30.78 -16.01
N THR B 215 -4.08 -29.65 -16.55
CA THR B 215 -3.50 -29.05 -17.75
C THR B 215 -3.31 -27.57 -17.45
N PRO B 216 -2.16 -27.18 -16.90
CA PRO B 216 -2.00 -25.79 -16.43
C PRO B 216 -2.08 -24.75 -17.53
N GLU B 217 -1.56 -25.06 -18.72
CA GLU B 217 -1.52 -24.07 -19.79
C GLU B 217 -2.91 -23.73 -20.35
N LYS B 218 -3.94 -24.45 -19.94
CA LYS B 218 -5.30 -24.17 -20.35
C LYS B 218 -6.13 -23.51 -19.26
N ALA B 219 -5.53 -23.20 -18.11
CA ALA B 219 -6.28 -22.65 -16.99
C ALA B 219 -6.70 -21.21 -17.27
N SER B 220 -5.76 -20.35 -17.62
CA SER B 220 -6.06 -18.96 -17.95
C SER B 220 -6.64 -18.93 -19.37
N ARG B 221 -7.96 -18.72 -19.47
CA ARG B 221 -8.68 -18.80 -20.75
C ARG B 221 -9.65 -17.62 -20.84
N THR B 222 -9.10 -16.44 -21.12
CA THR B 222 -9.92 -15.24 -21.20
C THR B 222 -10.82 -15.26 -22.44
N TYR B 223 -12.05 -14.80 -22.28
CA TYR B 223 -13.09 -14.67 -23.30
C TYR B 223 -13.60 -16.01 -23.80
N ASP B 224 -13.10 -17.13 -23.28
CA ASP B 224 -13.64 -18.43 -23.65
C ASP B 224 -14.96 -18.67 -22.93
N ALA B 225 -15.82 -19.47 -23.56
CA ALA B 225 -17.13 -19.76 -22.99
C ALA B 225 -17.05 -20.64 -21.75
N HIS B 226 -15.89 -21.24 -21.47
CA HIS B 226 -15.75 -22.13 -20.32
C HIS B 226 -14.66 -21.65 -19.35
N ARG B 227 -14.76 -20.39 -18.92
CA ARG B 227 -13.82 -19.84 -17.95
C ARG B 227 -14.38 -20.00 -16.54
N ASP B 228 -13.48 -20.06 -15.56
CA ASP B 228 -13.89 -20.31 -14.18
C ASP B 228 -13.11 -19.51 -13.15
N GLY B 229 -12.25 -18.60 -13.55
CA GLY B 229 -11.48 -17.79 -12.62
C GLY B 229 -10.09 -17.52 -13.15
N PHE B 230 -9.47 -16.47 -12.60
CA PHE B 230 -8.15 -16.07 -13.05
C PHE B 230 -7.07 -16.91 -12.36
N VAL B 231 -5.88 -16.90 -12.95
CA VAL B 231 -4.73 -17.63 -12.44
C VAL B 231 -3.81 -16.66 -11.74
N ILE B 232 -3.47 -16.95 -10.47
CA ILE B 232 -2.57 -16.08 -9.73
C ILE B 232 -1.19 -16.10 -10.38
N ALA B 233 -0.50 -14.96 -10.32
CA ALA B 233 0.81 -14.82 -10.92
C ALA B 233 1.60 -13.77 -10.15
N GLY B 234 2.90 -13.70 -10.46
CA GLY B 234 3.77 -12.72 -9.83
C GLY B 234 4.84 -12.27 -10.79
N GLY B 235 5.61 -11.29 -10.36
CA GLY B 235 6.68 -10.76 -11.17
C GLY B 235 6.92 -9.30 -10.83
N GLY B 236 7.51 -8.59 -11.79
CA GLY B 236 7.80 -7.17 -11.62
C GLY B 236 7.95 -6.48 -12.95
N GLY B 237 7.98 -5.15 -12.88
CA GLY B 237 8.13 -4.34 -14.06
C GLY B 237 8.50 -2.92 -13.69
N MET B 238 9.12 -2.23 -14.66
CA MET B 238 9.61 -0.88 -14.43
C MET B 238 9.74 -0.20 -15.78
N VAL B 239 9.24 1.04 -15.88
CA VAL B 239 9.39 1.85 -17.08
C VAL B 239 10.02 3.18 -16.68
N VAL B 240 10.78 3.76 -17.61
CA VAL B 240 11.45 5.03 -17.40
C VAL B 240 10.61 6.12 -18.06
N VAL B 241 9.93 6.92 -17.25
CA VAL B 241 9.11 8.03 -17.72
C VAL B 241 9.95 9.29 -17.70
N GLU B 242 10.05 9.95 -18.85
CA GLU B 242 10.96 11.08 -19.03
C GLU B 242 10.25 12.24 -19.70
N GLU B 243 10.65 13.44 -19.32
CA GLU B 243 10.20 14.63 -20.03
C GLU B 243 10.74 14.62 -21.45
N LEU B 244 9.91 15.09 -22.40
CA LEU B 244 10.24 14.92 -23.82
C LEU B 244 11.50 15.68 -24.19
N GLU B 245 11.57 16.97 -23.84
CA GLU B 245 12.74 17.76 -24.21
C GLU B 245 14.01 17.26 -23.53
N HIS B 246 13.89 16.72 -22.32
CA HIS B 246 15.05 16.16 -21.63
C HIS B 246 15.56 14.91 -22.35
N ALA B 247 14.65 14.11 -22.92
CA ALA B 247 15.05 12.89 -23.61
C ALA B 247 15.62 13.19 -24.98
N LEU B 248 15.05 14.18 -25.68
CA LEU B 248 15.55 14.53 -27.01
C LEU B 248 16.95 15.12 -26.95
N ALA B 249 17.26 15.87 -25.88
CA ALA B 249 18.56 16.55 -25.81
C ALA B 249 19.69 15.57 -25.55
N ARG B 250 19.41 14.44 -24.91
CA ARG B 250 20.44 13.44 -24.61
C ARG B 250 20.44 12.28 -25.60
N GLY B 251 19.67 12.39 -26.68
CA GLY B 251 19.66 11.35 -27.68
C GLY B 251 19.09 10.03 -27.22
N ALA B 252 18.10 10.05 -26.33
CA ALA B 252 17.52 8.82 -25.83
C ALA B 252 16.64 8.15 -26.89
N HIS B 253 16.50 6.84 -26.76
CA HIS B 253 15.60 6.07 -27.62
C HIS B 253 14.20 6.11 -27.02
N ILE B 254 13.25 6.68 -27.76
CA ILE B 254 11.90 6.92 -27.27
C ILE B 254 10.98 5.86 -27.84
N TYR B 255 10.38 5.06 -26.95
CA TYR B 255 9.42 4.05 -27.38
C TYR B 255 8.12 4.69 -27.84
N ALA B 256 7.46 5.43 -26.95
CA ALA B 256 6.19 6.06 -27.26
C ALA B 256 5.96 7.22 -26.31
N GLU B 257 4.93 8.01 -26.61
CA GLU B 257 4.51 9.13 -25.77
C GLU B 257 3.18 8.77 -25.11
N ILE B 258 3.10 8.98 -23.80
CA ILE B 258 1.86 8.75 -23.07
C ILE B 258 0.94 9.95 -23.29
N VAL B 259 0.06 9.84 -24.28
CA VAL B 259 -0.81 10.95 -24.66
C VAL B 259 -2.12 10.99 -23.87
N GLY B 260 -2.42 9.96 -23.10
CA GLY B 260 -3.65 9.93 -22.34
C GLY B 260 -3.51 9.09 -21.09
N TYR B 261 -4.28 9.46 -20.07
CA TYR B 261 -4.28 8.71 -18.81
C TYR B 261 -5.61 8.95 -18.11
N GLY B 262 -6.39 7.89 -17.92
CA GLY B 262 -7.67 7.97 -17.23
C GLY B 262 -7.59 7.28 -15.88
N ALA B 263 -8.35 7.81 -14.92
CA ALA B 263 -8.39 7.24 -13.57
C ALA B 263 -9.72 7.67 -12.94
N THR B 264 -10.65 6.73 -12.85
CA THR B 264 -11.98 6.98 -12.29
C THR B 264 -12.24 5.97 -11.17
N SER B 265 -13.49 5.97 -10.69
CA SER B 265 -13.92 5.05 -9.65
C SER B 265 -15.39 4.75 -9.87
N ASP B 266 -15.78 3.51 -9.56
CA ASP B 266 -17.16 3.08 -9.76
C ASP B 266 -18.09 3.62 -8.67
N GLY B 267 -17.70 3.44 -7.40
CA GLY B 267 -18.55 3.87 -6.30
C GLY B 267 -19.90 3.19 -6.27
N ALA B 268 -19.92 1.89 -6.57
CA ALA B 268 -21.18 1.15 -6.61
C ALA B 268 -21.10 -0.12 -5.77
N ASP B 269 -20.40 -1.14 -6.28
CA ASP B 269 -20.23 -2.41 -5.60
C ASP B 269 -18.77 -2.63 -5.28
N MET B 270 -18.52 -3.44 -4.23
CA MET B 270 -17.15 -3.70 -3.80
C MET B 270 -16.48 -4.76 -4.65
N VAL B 271 -17.23 -5.76 -5.11
CA VAL B 271 -16.65 -6.86 -5.88
C VAL B 271 -17.04 -6.82 -7.35
N ALA B 272 -18.24 -6.36 -7.69
CA ALA B 272 -18.72 -6.41 -9.06
C ALA B 272 -18.62 -5.05 -9.70
N PRO B 273 -17.88 -4.91 -10.81
CA PRO B 273 -17.84 -3.62 -11.50
C PRO B 273 -19.18 -3.30 -12.15
N SER B 274 -19.40 -2.00 -12.38
CA SER B 274 -20.66 -1.51 -12.94
C SER B 274 -20.56 -1.23 -14.44
N GLY B 275 -19.41 -0.73 -14.91
CA GLY B 275 -19.25 -0.45 -16.32
C GLY B 275 -19.18 1.03 -16.63
N GLU B 276 -20.02 1.82 -15.96
CA GLU B 276 -20.04 3.27 -16.18
C GLU B 276 -18.70 3.90 -15.81
N GLY B 277 -18.04 3.38 -14.77
CA GLY B 277 -16.74 3.92 -14.39
C GLY B 277 -15.65 3.60 -15.38
N ALA B 278 -15.73 2.44 -16.03
CA ALA B 278 -14.74 2.07 -17.04
C ALA B 278 -14.88 2.91 -18.30
N VAL B 279 -16.12 3.28 -18.65
CA VAL B 279 -16.33 4.12 -19.83
C VAL B 279 -15.72 5.50 -19.62
N ARG B 280 -16.02 6.12 -18.47
CA ARG B 280 -15.43 7.42 -18.16
C ARG B 280 -13.91 7.34 -18.10
N CYS B 281 -13.38 6.24 -17.56
CA CYS B 281 -11.93 6.07 -17.50
C CYS B 281 -11.33 5.98 -18.89
N MET B 282 -11.98 5.26 -19.80
CA MET B 282 -11.47 5.15 -21.16
C MET B 282 -11.67 6.47 -21.91
N LYS B 283 -12.88 7.03 -21.85
CA LYS B 283 -13.15 8.30 -22.53
C LYS B 283 -12.25 9.41 -22.02
N MET B 284 -11.84 9.37 -20.76
CA MET B 284 -10.93 10.38 -20.23
C MET B 284 -9.56 10.28 -20.89
N ALA B 285 -9.09 9.05 -21.14
CA ALA B 285 -7.78 8.85 -21.76
C ALA B 285 -7.77 9.16 -23.25
N MET B 286 -8.91 9.05 -23.94
CA MET B 286 -8.97 9.36 -25.36
C MET B 286 -9.18 10.84 -25.64
N HIS B 287 -9.60 11.63 -24.65
CA HIS B 287 -9.87 13.03 -24.89
C HIS B 287 -8.59 13.76 -25.29
N GLY B 288 -8.64 14.44 -26.44
CA GLY B 288 -7.49 15.13 -26.96
C GLY B 288 -6.59 14.29 -27.85
N VAL B 289 -6.91 13.01 -28.04
CA VAL B 289 -6.14 12.13 -28.91
C VAL B 289 -6.86 12.05 -30.25
N ASP B 290 -6.20 12.54 -31.30
CA ASP B 290 -6.84 12.61 -32.61
C ASP B 290 -6.80 11.26 -33.33
N THR B 291 -5.66 10.57 -33.27
CA THR B 291 -5.53 9.30 -33.97
C THR B 291 -6.39 8.23 -33.29
N PRO B 292 -6.95 7.30 -34.07
CA PRO B 292 -7.75 6.23 -33.47
C PRO B 292 -6.88 5.23 -32.74
N ILE B 293 -7.55 4.33 -32.02
CA ILE B 293 -6.87 3.30 -31.24
C ILE B 293 -6.73 2.06 -32.12
N ASP B 294 -5.50 1.59 -32.30
CA ASP B 294 -5.25 0.42 -33.14
C ASP B 294 -5.34 -0.89 -32.36
N TYR B 295 -4.80 -0.91 -31.15
CA TYR B 295 -4.80 -2.11 -30.33
C TYR B 295 -5.26 -1.76 -28.91
N LEU B 296 -5.97 -2.70 -28.29
CA LEU B 296 -6.45 -2.53 -26.92
C LEU B 296 -6.04 -3.76 -26.11
N ASN B 297 -5.18 -3.55 -25.12
CA ASN B 297 -4.82 -4.60 -24.17
C ASN B 297 -5.84 -4.54 -23.04
N SER B 298 -6.87 -5.38 -23.14
CA SER B 298 -7.94 -5.38 -22.16
C SER B 298 -7.45 -5.94 -20.82
N HIS B 299 -8.23 -5.67 -19.77
CA HIS B 299 -7.88 -6.19 -18.46
C HIS B 299 -8.08 -7.70 -18.40
N GLY B 300 -9.13 -8.20 -19.04
CA GLY B 300 -9.42 -9.62 -19.23
C GLY B 300 -8.89 -10.59 -18.19
N THR B 301 -9.65 -10.81 -17.12
CA THR B 301 -9.17 -11.65 -16.03
C THR B 301 -9.40 -13.14 -16.29
N SER B 302 -10.43 -13.47 -17.07
CA SER B 302 -10.97 -14.82 -17.25
C SER B 302 -11.84 -15.21 -16.06
N THR B 303 -12.78 -14.36 -15.69
CA THR B 303 -13.77 -14.60 -14.64
C THR B 303 -15.18 -14.67 -15.24
N PRO B 304 -16.10 -15.40 -14.60
CA PRO B 304 -17.44 -15.55 -15.19
C PRO B 304 -18.27 -14.27 -15.19
N VAL B 305 -17.84 -13.21 -14.50
CA VAL B 305 -18.63 -11.99 -14.41
C VAL B 305 -17.89 -10.82 -15.03
N GLY B 306 -16.72 -10.49 -14.47
CA GLY B 306 -15.99 -9.29 -14.85
C GLY B 306 -15.50 -9.28 -16.28
N ASP B 307 -15.59 -10.41 -16.99
CA ASP B 307 -15.11 -10.44 -18.37
C ASP B 307 -16.06 -9.73 -19.31
N VAL B 308 -17.36 -9.84 -19.06
CA VAL B 308 -18.36 -9.27 -19.97
C VAL B 308 -18.61 -7.79 -19.70
N LYS B 309 -18.42 -7.33 -18.47
CA LYS B 309 -18.68 -5.93 -18.16
C LYS B 309 -17.67 -5.00 -18.84
N GLU B 310 -16.45 -5.49 -19.08
CA GLU B 310 -15.48 -4.67 -19.80
C GLU B 310 -15.80 -4.61 -21.29
N LEU B 311 -16.29 -5.72 -21.84
CA LEU B 311 -16.65 -5.74 -23.27
C LEU B 311 -17.81 -4.80 -23.55
N ALA B 312 -18.76 -4.69 -22.62
CA ALA B 312 -19.86 -3.75 -22.80
C ALA B 312 -19.37 -2.31 -22.73
N ALA B 313 -18.37 -2.05 -21.89
CA ALA B 313 -17.80 -0.71 -21.81
C ALA B 313 -17.02 -0.37 -23.08
N ILE B 314 -16.26 -1.32 -23.60
CA ILE B 314 -15.53 -1.09 -24.85
C ILE B 314 -16.50 -0.84 -25.99
N ARG B 315 -17.63 -1.55 -26.01
CA ARG B 315 -18.61 -1.38 -27.07
C ARG B 315 -19.22 0.01 -27.04
N GLU B 316 -19.49 0.53 -25.83
CA GLU B 316 -20.07 1.87 -25.73
C GLU B 316 -19.08 2.96 -26.10
N VAL B 317 -17.78 2.72 -25.87
CA VAL B 317 -16.79 3.75 -26.15
C VAL B 317 -16.56 3.89 -27.65
N PHE B 318 -16.32 2.78 -28.34
CA PHE B 318 -15.95 2.81 -29.74
C PHE B 318 -17.12 2.57 -30.69
N GLY B 319 -18.11 1.78 -30.28
CA GLY B 319 -19.23 1.49 -31.15
C GLY B 319 -18.86 0.60 -32.32
N ASP B 320 -18.82 1.18 -33.53
CA ASP B 320 -18.47 0.42 -34.72
C ASP B 320 -16.97 0.45 -35.02
N LYS B 321 -16.24 1.42 -34.49
CA LYS B 321 -14.80 1.50 -34.69
C LYS B 321 -14.06 0.68 -33.64
N SER B 322 -14.38 -0.62 -33.63
CA SER B 322 -13.82 -1.52 -32.63
C SER B 322 -12.35 -1.80 -32.93
N PRO B 323 -11.43 -1.46 -32.03
CA PRO B 323 -10.01 -1.79 -32.26
C PRO B 323 -9.74 -3.26 -31.98
N ALA B 324 -8.55 -3.70 -32.42
CA ALA B 324 -8.14 -5.07 -32.17
C ALA B 324 -7.93 -5.30 -30.68
N ILE B 325 -8.54 -6.36 -30.15
CA ILE B 325 -8.53 -6.65 -28.73
C ILE B 325 -7.84 -7.98 -28.50
N SER B 326 -7.06 -8.06 -27.41
CA SER B 326 -6.46 -9.32 -26.97
C SER B 326 -6.11 -9.18 -25.50
N ALA B 327 -6.30 -10.26 -24.76
CA ALA B 327 -6.03 -10.29 -23.32
C ALA B 327 -4.79 -11.13 -23.08
N THR B 328 -3.67 -10.46 -22.78
CA THR B 328 -2.41 -11.16 -22.55
C THR B 328 -2.41 -11.96 -21.25
N LYS B 329 -3.38 -11.74 -20.36
CA LYS B 329 -3.46 -12.52 -19.13
C LYS B 329 -3.66 -14.00 -19.39
N ALA B 330 -4.17 -14.38 -20.57
CA ALA B 330 -4.32 -15.78 -20.90
C ALA B 330 -2.97 -16.50 -20.95
N MET B 331 -1.90 -15.76 -21.25
CA MET B 331 -0.56 -16.34 -21.30
C MET B 331 0.16 -16.25 -19.96
N THR B 332 -0.02 -15.14 -19.22
CA THR B 332 0.82 -14.82 -18.09
C THR B 332 0.15 -14.98 -16.73
N GLY B 333 -1.18 -15.06 -16.68
CA GLY B 333 -1.86 -15.03 -15.41
C GLY B 333 -2.04 -13.61 -14.92
N HIS B 334 -2.49 -13.49 -13.67
CA HIS B 334 -2.81 -12.21 -13.06
C HIS B 334 -1.76 -11.88 -12.00
N SER B 335 -0.88 -10.93 -12.32
CA SER B 335 0.20 -10.53 -11.44
C SER B 335 -0.22 -9.44 -10.45
N LEU B 336 -1.51 -9.10 -10.39
CA LEU B 336 -2.05 -8.19 -9.39
C LEU B 336 -1.35 -6.83 -9.40
N GLY B 337 -0.48 -6.61 -8.41
CA GLY B 337 0.18 -5.32 -8.26
C GLY B 337 1.09 -4.95 -9.42
N ALA B 338 1.58 -5.94 -10.16
CA ALA B 338 2.48 -5.70 -11.28
C ALA B 338 1.79 -5.84 -12.63
N ALA B 339 0.47 -6.03 -12.64
CA ALA B 339 -0.23 -6.26 -13.91
C ALA B 339 -0.23 -5.01 -14.78
N GLY B 340 -0.35 -3.83 -14.16
CA GLY B 340 -0.45 -2.60 -14.94
C GLY B 340 0.81 -2.27 -15.69
N VAL B 341 1.97 -2.43 -15.05
CA VAL B 341 3.23 -2.08 -15.71
C VAL B 341 3.67 -3.19 -16.65
N GLN B 342 3.33 -4.46 -16.35
CA GLN B 342 3.69 -5.55 -17.25
C GLN B 342 2.89 -5.47 -18.54
N GLU B 343 1.59 -5.20 -18.44
CA GLU B 343 0.75 -5.11 -19.64
C GLU B 343 1.06 -3.88 -20.46
N ALA B 344 1.47 -2.78 -19.82
CA ALA B 344 1.92 -1.63 -20.58
C ALA B 344 3.22 -1.93 -21.31
N ILE B 345 4.06 -2.80 -20.76
CA ILE B 345 5.31 -3.17 -21.43
C ILE B 345 5.03 -4.10 -22.60
N TYR B 346 4.08 -5.03 -22.43
CA TYR B 346 3.67 -5.85 -23.56
C TYR B 346 3.12 -5.00 -24.69
N SER B 347 2.32 -3.98 -24.35
CA SER B 347 1.75 -3.11 -25.37
C SER B 347 2.82 -2.28 -26.07
N LEU B 348 3.86 -1.87 -25.34
CA LEU B 348 4.95 -1.13 -25.96
C LEU B 348 5.80 -2.02 -26.87
N LEU B 349 5.93 -3.30 -26.52
CA LEU B 349 6.65 -4.22 -27.40
C LEU B 349 5.86 -4.45 -28.68
N MET B 350 4.53 -4.49 -28.60
CA MET B 350 3.71 -4.62 -29.80
C MET B 350 3.86 -3.38 -30.67
N LEU B 351 3.84 -2.20 -30.05
CA LEU B 351 3.97 -0.96 -30.82
C LEU B 351 5.37 -0.84 -31.41
N GLU B 352 6.39 -1.34 -30.71
CA GLU B 352 7.76 -1.20 -31.18
C GLU B 352 8.05 -2.13 -32.35
N HIS B 353 7.58 -3.37 -32.29
CA HIS B 353 7.93 -4.38 -33.27
C HIS B 353 6.81 -4.68 -34.26
N GLY B 354 5.69 -3.94 -34.18
CA GLY B 354 4.65 -4.03 -35.19
C GLY B 354 3.94 -5.36 -35.28
N PHE B 355 3.38 -5.84 -34.17
CA PHE B 355 2.59 -7.07 -34.17
C PHE B 355 1.55 -6.98 -33.06
N ILE B 356 0.63 -7.94 -33.05
CA ILE B 356 -0.42 -8.02 -32.06
C ILE B 356 -0.38 -9.43 -31.47
N ALA B 357 -0.07 -9.54 -30.19
CA ALA B 357 -0.03 -10.85 -29.55
C ALA B 357 -1.44 -11.43 -29.46
N PRO B 358 -1.60 -12.74 -29.59
CA PRO B 358 -2.93 -13.33 -29.60
C PRO B 358 -3.49 -13.53 -28.21
N SER B 359 -4.82 -13.51 -28.13
CA SER B 359 -5.54 -13.90 -26.91
C SER B 359 -5.82 -15.39 -27.01
N ILE B 360 -4.96 -16.19 -26.39
CA ILE B 360 -4.95 -17.64 -26.61
C ILE B 360 -6.05 -18.32 -25.81
N ASN B 361 -6.14 -19.64 -25.96
CA ASN B 361 -7.04 -20.50 -25.19
C ASN B 361 -8.51 -20.18 -25.44
N ILE B 362 -8.83 -19.67 -26.63
CA ILE B 362 -10.21 -19.38 -27.02
C ILE B 362 -10.64 -20.50 -27.96
N GLU B 363 -11.37 -21.48 -27.42
CA GLU B 363 -11.92 -22.55 -28.24
C GLU B 363 -13.31 -22.20 -28.76
N GLU B 364 -14.14 -21.59 -27.92
CA GLU B 364 -15.47 -21.13 -28.31
C GLU B 364 -15.66 -19.72 -27.76
N LEU B 365 -15.67 -18.73 -28.64
CA LEU B 365 -15.83 -17.35 -28.22
C LEU B 365 -17.20 -17.16 -27.57
N ASP B 366 -17.22 -16.46 -26.44
CA ASP B 366 -18.46 -16.24 -25.72
C ASP B 366 -19.44 -15.43 -26.57
N GLU B 367 -20.73 -15.73 -26.42
CA GLU B 367 -21.76 -15.09 -27.24
C GLU B 367 -21.76 -13.58 -27.04
N GLN B 368 -21.58 -13.13 -25.81
CA GLN B 368 -21.59 -11.70 -25.50
C GLN B 368 -20.32 -10.99 -25.97
N ALA B 369 -19.41 -11.68 -26.65
CA ALA B 369 -18.20 -11.09 -27.19
C ALA B 369 -18.23 -10.95 -28.70
N ALA B 370 -19.28 -11.44 -29.36
CA ALA B 370 -19.36 -11.36 -30.81
C ALA B 370 -19.45 -9.91 -31.27
N GLY B 371 -18.98 -9.67 -32.49
CA GLY B 371 -18.92 -8.34 -33.05
C GLY B 371 -17.62 -7.60 -32.79
N LEU B 372 -16.87 -7.99 -31.76
CA LEU B 372 -15.58 -7.39 -31.48
C LEU B 372 -14.46 -8.15 -32.19
N ASN B 373 -13.35 -7.45 -32.41
N ASN B 373 -13.35 -7.46 -32.41
CA ASN B 373 -12.20 -8.02 -33.10
CA ASN B 373 -12.20 -8.04 -33.11
C ASN B 373 -11.20 -8.51 -32.05
C ASN B 373 -11.19 -8.52 -32.06
N ILE B 374 -11.48 -9.70 -31.52
CA ILE B 374 -10.59 -10.34 -30.55
C ILE B 374 -9.59 -11.17 -31.32
N VAL B 375 -8.33 -10.75 -31.29
CA VAL B 375 -7.28 -11.39 -32.09
C VAL B 375 -6.86 -12.68 -31.41
N THR B 376 -6.93 -13.80 -32.15
CA THR B 376 -6.55 -15.10 -31.63
C THR B 376 -5.29 -15.66 -32.26
N GLU B 377 -4.73 -15.01 -33.28
CA GLU B 377 -3.49 -15.43 -33.92
C GLU B 377 -2.59 -14.22 -34.10
N THR B 378 -1.29 -14.42 -33.92
CA THR B 378 -0.34 -13.32 -34.03
C THR B 378 -0.41 -12.67 -35.40
N THR B 379 -0.58 -11.35 -35.42
CA THR B 379 -0.80 -10.59 -36.65
C THR B 379 0.24 -9.48 -36.76
N ASP B 380 0.93 -9.43 -37.89
CA ASP B 380 1.86 -8.35 -38.16
C ASP B 380 1.08 -7.13 -38.67
N ARG B 381 1.25 -6.00 -37.99
CA ARG B 381 0.49 -4.81 -38.30
C ARG B 381 1.21 -3.59 -37.75
N GLU B 382 1.26 -2.52 -38.55
CA GLU B 382 1.92 -1.28 -38.15
C GLU B 382 0.98 -0.52 -37.21
N LEU B 383 1.19 -0.72 -35.91
CA LEU B 383 0.39 -0.04 -34.90
C LEU B 383 0.93 1.36 -34.66
N THR B 384 0.03 2.28 -34.30
CA THR B 384 0.38 3.65 -34.01
C THR B 384 -0.02 4.07 -32.59
N THR B 385 -1.23 3.75 -32.17
CA THR B 385 -1.73 4.11 -30.86
C THR B 385 -2.29 2.86 -30.18
N VAL B 386 -1.83 2.59 -28.95
CA VAL B 386 -2.27 1.43 -28.20
C VAL B 386 -2.87 1.88 -26.87
N MET B 387 -3.71 1.02 -26.31
CA MET B 387 -4.38 1.30 -25.05
C MET B 387 -4.41 0.07 -24.18
N SER B 388 -4.32 0.28 -22.87
N SER B 388 -4.32 0.28 -22.87
CA SER B 388 -4.32 -0.80 -21.89
CA SER B 388 -4.33 -0.81 -21.91
C SER B 388 -5.19 -0.42 -20.71
C SER B 388 -5.18 -0.42 -20.70
N ASN B 389 -6.11 -1.29 -20.34
CA ASN B 389 -6.98 -1.07 -19.19
C ASN B 389 -6.47 -1.84 -17.99
N SER B 390 -6.75 -1.31 -16.80
CA SER B 390 -6.39 -1.96 -15.55
C SER B 390 -7.45 -1.64 -14.52
N PHE B 391 -8.27 -2.63 -14.16
CA PHE B 391 -9.29 -2.48 -13.16
C PHE B 391 -8.81 -3.07 -11.83
N GLY B 392 -9.40 -2.60 -10.75
CA GLY B 392 -8.97 -3.01 -9.42
C GLY B 392 -10.14 -3.23 -8.49
N PHE B 393 -9.88 -4.05 -7.47
CA PHE B 393 -10.84 -4.26 -6.39
C PHE B 393 -11.25 -2.92 -5.78
N GLY B 394 -12.56 -2.76 -5.57
CA GLY B 394 -13.09 -1.53 -5.03
C GLY B 394 -13.64 -0.56 -6.06
N GLY B 395 -13.70 -0.95 -7.33
CA GLY B 395 -14.26 -0.10 -8.36
C GLY B 395 -13.31 0.90 -8.98
N THR B 396 -12.02 0.82 -8.67
CA THR B 396 -11.05 1.76 -9.23
C THR B 396 -10.60 1.33 -10.61
N ASN B 397 -10.40 2.31 -11.49
CA ASN B 397 -10.06 2.05 -12.88
C ASN B 397 -8.88 2.91 -13.29
N ALA B 398 -8.11 2.42 -14.26
CA ALA B 398 -6.96 3.13 -14.80
C ALA B 398 -6.79 2.77 -16.27
N THR B 399 -6.41 3.75 -17.08
CA THR B 399 -6.27 3.56 -18.51
C THR B 399 -5.09 4.40 -19.02
N LEU B 400 -4.28 3.81 -19.90
CA LEU B 400 -3.13 4.47 -20.47
C LEU B 400 -3.21 4.38 -22.00
N VAL B 401 -2.98 5.50 -22.67
CA VAL B 401 -2.97 5.57 -24.12
C VAL B 401 -1.58 6.00 -24.56
N MET B 402 -0.94 5.20 -25.39
CA MET B 402 0.44 5.41 -25.81
C MET B 402 0.51 5.49 -27.33
N ARG B 403 1.36 6.38 -27.84
CA ARG B 403 1.44 6.63 -29.27
C ARG B 403 2.88 6.94 -29.64
N LYS B 404 3.28 6.51 -30.83
CA LYS B 404 4.62 6.81 -31.34
C LYS B 404 4.72 8.29 -31.72
N LEU B 405 5.96 8.77 -31.78
CA LEU B 405 6.21 10.16 -32.15
C LEU B 405 6.19 10.34 -33.66
N GLU C 5 -35.25 -21.65 18.18
CA GLU C 5 -34.69 -21.41 16.86
C GLU C 5 -34.25 -19.95 16.71
N ARG C 6 -33.00 -19.68 17.08
CA ARG C 6 -32.42 -18.36 16.95
C ARG C 6 -31.77 -18.13 15.59
N VAL C 7 -32.18 -18.90 14.57
CA VAL C 7 -31.61 -18.74 13.24
C VAL C 7 -32.02 -17.40 12.64
N LYS C 8 -33.24 -16.95 12.94
CA LYS C 8 -33.72 -15.68 12.38
C LYS C 8 -32.90 -14.50 12.89
N LYS C 9 -32.32 -14.61 14.08
CA LYS C 9 -31.50 -13.52 14.60
C LYS C 9 -30.16 -13.44 13.88
N ILE C 10 -29.52 -14.59 13.67
CA ILE C 10 -28.22 -14.62 12.98
C ILE C 10 -28.39 -14.13 11.54
N ILE C 11 -29.41 -14.65 10.85
CA ILE C 11 -29.65 -14.24 9.46
C ILE C 11 -29.96 -12.76 9.39
N GLY C 12 -30.68 -12.23 10.38
CA GLY C 12 -31.02 -10.81 10.38
C GLY C 12 -29.80 -9.92 10.50
N GLU C 13 -28.87 -10.26 11.39
CA GLU C 13 -27.65 -9.49 11.54
C GLU C 13 -26.61 -9.81 10.46
N GLN C 14 -26.75 -10.96 9.79
CA GLN C 14 -25.82 -11.30 8.71
C GLN C 14 -26.15 -10.55 7.42
N LEU C 15 -27.44 -10.33 7.16
CA LEU C 15 -27.88 -9.70 5.92
C LEU C 15 -28.23 -8.23 6.07
N GLY C 16 -28.70 -7.81 7.25
CA GLY C 16 -28.99 -6.41 7.48
C GLY C 16 -30.45 -6.06 7.44
N VAL C 17 -31.29 -6.94 8.00
CA VAL C 17 -32.73 -6.71 8.07
C VAL C 17 -33.14 -6.78 9.54
N LYS C 18 -34.26 -6.11 9.84
CA LYS C 18 -34.83 -6.10 11.18
C LYS C 18 -35.67 -7.36 11.48
N GLN C 19 -35.31 -8.51 10.88
CA GLN C 19 -36.04 -9.76 11.07
C GLN C 19 -37.52 -9.61 10.74
N GLU C 20 -37.85 -9.58 9.45
CA GLU C 20 -39.24 -9.40 9.03
C GLU C 20 -39.63 -10.45 7.99
N GLU C 21 -39.06 -10.35 6.79
CA GLU C 21 -39.41 -11.25 5.69
C GLU C 21 -38.69 -12.59 5.89
N VAL C 22 -39.22 -13.39 6.80
CA VAL C 22 -38.65 -14.69 7.10
C VAL C 22 -39.68 -15.79 6.80
N THR C 23 -39.95 -16.01 5.52
CA THR C 23 -40.86 -17.04 5.07
C THR C 23 -40.08 -18.22 4.50
N ASN C 24 -40.81 -19.24 4.06
CA ASN C 24 -40.17 -20.45 3.54
C ASN C 24 -39.51 -20.19 2.19
N ASN C 25 -40.20 -19.47 1.30
CA ASN C 25 -39.77 -19.29 -0.08
C ASN C 25 -38.93 -18.04 -0.30
N ALA C 26 -38.50 -17.37 0.77
CA ALA C 26 -37.72 -16.14 0.63
C ALA C 26 -36.30 -16.49 0.20
N SER C 27 -35.94 -16.16 -1.03
CA SER C 27 -34.56 -16.37 -1.42
C SER C 27 -33.68 -15.31 -0.76
N PHE C 28 -32.38 -15.60 -0.70
CA PHE C 28 -31.46 -14.65 -0.10
C PHE C 28 -31.09 -13.53 -1.07
N VAL C 29 -31.15 -13.79 -2.37
CA VAL C 29 -30.66 -12.84 -3.37
C VAL C 29 -31.70 -11.77 -3.64
N GLU C 30 -32.85 -12.15 -4.22
CA GLU C 30 -33.81 -11.16 -4.67
C GLU C 30 -34.82 -10.74 -3.60
N ASP C 31 -34.89 -11.46 -2.48
CA ASP C 31 -35.78 -11.08 -1.39
C ASP C 31 -35.05 -10.42 -0.23
N LEU C 32 -33.87 -10.91 0.14
CA LEU C 32 -33.12 -10.37 1.25
C LEU C 32 -31.87 -9.62 0.82
N GLY C 33 -31.63 -9.48 -0.49
CA GLY C 33 -30.51 -8.70 -0.97
C GLY C 33 -29.15 -9.20 -0.52
N ALA C 34 -28.99 -10.51 -0.37
CA ALA C 34 -27.73 -11.07 0.10
C ALA C 34 -26.71 -11.11 -1.03
N ASP C 35 -25.53 -10.56 -0.78
CA ASP C 35 -24.42 -10.68 -1.70
C ASP C 35 -24.00 -12.14 -1.82
N SER C 36 -23.39 -12.49 -2.95
CA SER C 36 -22.90 -13.85 -3.11
C SER C 36 -21.75 -14.14 -2.14
N LEU C 37 -21.01 -13.10 -1.74
CA LEU C 37 -20.02 -13.27 -0.70
C LEU C 37 -20.70 -13.45 0.66
N ASP C 38 -21.91 -12.90 0.81
CA ASP C 38 -22.67 -13.07 2.04
C ASP C 38 -23.22 -14.48 2.17
N THR C 39 -23.59 -15.10 1.05
CA THR C 39 -24.10 -16.48 1.09
C THR C 39 -23.05 -17.45 1.61
N VAL C 40 -21.77 -17.18 1.33
CA VAL C 40 -20.70 -17.97 1.92
C VAL C 40 -20.62 -17.73 3.41
N GLU C 41 -20.72 -16.46 3.81
CA GLU C 41 -20.69 -16.12 5.24
C GLU C 41 -21.92 -16.64 5.97
N LEU C 42 -23.07 -16.72 5.28
CA LEU C 42 -24.27 -17.25 5.90
C LEU C 42 -24.08 -18.68 6.34
N VAL C 43 -23.46 -19.51 5.49
CA VAL C 43 -23.06 -20.85 5.91
C VAL C 43 -22.16 -20.76 7.14
N MET C 44 -21.01 -20.10 6.99
CA MET C 44 -20.01 -19.97 8.04
C MET C 44 -20.60 -19.65 9.41
N ALA C 45 -21.52 -18.70 9.47
CA ALA C 45 -22.08 -18.27 10.75
C ALA C 45 -22.94 -19.36 11.39
N LEU C 46 -23.41 -20.33 10.62
CA LEU C 46 -24.23 -21.39 11.18
C LEU C 46 -23.39 -22.41 11.95
N GLU C 47 -22.14 -22.63 11.55
CA GLU C 47 -21.27 -23.54 12.27
C GLU C 47 -20.82 -22.97 13.61
N GLU C 48 -20.75 -21.64 13.72
CA GLU C 48 -20.34 -21.03 14.98
C GLU C 48 -21.37 -21.26 16.08
N GLU C 49 -22.65 -21.36 15.72
CA GLU C 49 -23.70 -21.59 16.70
C GLU C 49 -23.95 -23.08 16.95
N PHE C 50 -23.73 -23.92 15.95
CA PHE C 50 -23.84 -25.37 16.11
C PHE C 50 -22.68 -26.04 15.37
N ASP C 51 -21.95 -26.90 16.05
CA ASP C 51 -20.80 -27.58 15.47
C ASP C 51 -21.27 -28.63 14.48
N THR C 52 -21.23 -28.29 13.19
CA THR C 52 -21.63 -29.19 12.12
C THR C 52 -20.71 -28.96 10.92
N GLU C 53 -20.85 -29.81 9.91
CA GLU C 53 -20.00 -29.73 8.72
C GLU C 53 -20.83 -29.91 7.47
N ILE C 54 -20.59 -29.05 6.47
CA ILE C 54 -21.29 -29.07 5.20
C ILE C 54 -20.24 -29.24 4.10
N PRO C 55 -20.42 -30.15 3.15
CA PRO C 55 -19.51 -30.21 1.99
C PRO C 55 -19.58 -28.97 1.11
N ASP C 56 -19.22 -29.11 -0.16
CA ASP C 56 -19.10 -27.97 -1.07
C ASP C 56 -20.13 -27.98 -2.19
N GLU C 57 -20.24 -29.08 -2.94
CA GLU C 57 -21.22 -29.13 -4.03
C GLU C 57 -22.65 -29.07 -3.52
N GLU C 58 -22.88 -29.43 -2.25
CA GLU C 58 -24.20 -29.33 -1.67
C GLU C 58 -24.54 -27.90 -1.28
N ALA C 59 -23.53 -27.08 -1.00
CA ALA C 59 -23.77 -25.71 -0.53
C ALA C 59 -24.32 -24.82 -1.64
N GLU C 60 -23.95 -25.09 -2.90
CA GLU C 60 -24.43 -24.25 -3.99
C GLU C 60 -25.94 -24.41 -4.18
N LYS C 61 -26.47 -25.60 -3.96
CA LYS C 61 -27.91 -25.81 -4.07
C LYS C 61 -28.67 -25.09 -2.96
N ILE C 62 -28.05 -24.93 -1.80
N ILE C 62 -28.02 -24.88 -1.81
CA ILE C 62 -28.75 -24.38 -0.64
CA ILE C 62 -28.59 -24.10 -0.72
C ILE C 62 -28.94 -22.88 -0.84
C ILE C 62 -28.63 -22.64 -1.13
N THR C 63 -30.21 -22.45 -0.96
N THR C 63 -29.77 -22.18 -1.65
CA THR C 63 -30.54 -21.03 -1.12
CA THR C 63 -29.93 -20.82 -2.11
C THR C 63 -31.85 -20.68 -0.46
C THR C 63 -31.02 -20.05 -1.38
N THR C 64 -32.26 -21.43 0.57
N THR C 64 -32.13 -20.71 -1.05
CA THR C 64 -33.53 -21.23 1.25
CA THR C 64 -33.22 -20.12 -0.28
C THR C 64 -33.27 -20.91 2.72
C THR C 64 -33.22 -20.71 1.13
N VAL C 65 -34.23 -20.22 3.33
N VAL C 65 -34.10 -20.17 1.97
CA VAL C 65 -34.13 -19.85 4.73
CA VAL C 65 -34.29 -20.77 3.29
C VAL C 65 -34.78 -20.88 5.64
C VAL C 65 -34.90 -22.16 3.16
N GLN C 66 -35.96 -21.39 5.25
N GLN C 66 -35.66 -22.39 2.09
CA GLN C 66 -36.59 -22.44 6.04
CA GLN C 66 -36.23 -23.72 1.86
C GLN C 66 -35.74 -23.69 6.10
C GLN C 66 -35.13 -24.76 1.65
N ALA C 67 -34.97 -23.96 5.05
N ALA C 67 -34.09 -24.40 0.90
CA ALA C 67 -34.07 -25.12 5.06
CA ALA C 67 -33.00 -25.33 0.66
C ALA C 67 -33.03 -24.99 6.16
C ALA C 67 -32.12 -25.49 1.89
N ALA C 68 -32.57 -23.76 6.43
N ALA C 68 -31.94 -24.40 2.65
CA ALA C 68 -31.59 -23.57 7.51
CA ALA C 68 -31.12 -24.48 3.86
C ALA C 68 -32.19 -23.84 8.87
C ALA C 68 -31.79 -25.34 4.93
N ILE C 69 -33.43 -23.37 9.10
N ILE C 69 -33.11 -25.19 5.08
CA ILE C 69 -34.08 -23.61 10.38
CA ILE C 69 -33.84 -26.01 6.04
C ILE C 69 -34.37 -25.11 10.55
C ILE C 69 -33.82 -27.47 5.61
N ASP C 70 -34.83 -25.78 9.49
N ASP C 70 -33.90 -27.72 4.30
CA ASP C 70 -35.11 -27.20 9.59
CA ASP C 70 -33.96 -29.09 3.80
C ASP C 70 -33.83 -28.02 9.73
C ASP C 70 -32.66 -29.84 4.11
N TYR C 71 -32.76 -27.60 9.05
N TYR C 71 -31.51 -29.18 3.95
CA TYR C 71 -31.47 -28.25 9.22
CA TYR C 71 -30.25 -29.86 4.22
C TYR C 71 -31.01 -28.18 10.67
C TYR C 71 -30.07 -30.15 5.71
N ILE C 72 -31.28 -27.06 11.34
N ILE C 72 -30.46 -29.20 6.56
CA ILE C 72 -30.84 -26.87 12.71
CA ILE C 72 -30.31 -29.39 8.00
C ILE C 72 -31.68 -27.72 13.66
C ILE C 72 -31.12 -30.60 8.46
N ASN C 73 -33.00 -27.76 13.45
N ASN C 73 -32.31 -30.79 7.89
CA ASN C 73 -33.87 -28.57 14.28
CA ASN C 73 -33.11 -31.96 8.22
C ASN C 73 -33.50 -30.05 14.20
C ASN C 73 -32.44 -33.25 7.76
N GLY C 74 -32.97 -30.49 13.05
N GLY C 74 -31.91 -33.24 6.53
CA GLY C 74 -32.49 -31.83 12.88
CA GLY C 74 -31.28 -34.44 5.99
C GLY C 74 -31.04 -32.06 13.22
C GLY C 74 -29.99 -34.81 6.68
N HIS C 75 -30.34 -31.04 13.71
N HIS C 75 -29.28 -33.82 7.22
CA HIS C 75 -28.93 -31.17 14.09
CA HIS C 75 -28.02 -34.08 7.91
C HIS C 75 -28.67 -30.49 15.42
C HIS C 75 -28.25 -34.85 9.20
N SER D 1 34.38 -28.72 12.29
CA SER D 1 35.14 -27.48 12.38
C SER D 1 35.26 -27.01 13.82
N THR D 2 36.33 -26.28 14.11
CA THR D 2 36.54 -25.74 15.44
C THR D 2 35.50 -24.66 15.75
N ILE D 3 35.38 -24.34 17.03
CA ILE D 3 34.46 -23.28 17.46
C ILE D 3 34.86 -21.94 16.86
N GLU D 4 36.17 -21.68 16.79
CA GLU D 4 36.65 -20.38 16.31
C GLU D 4 36.27 -20.15 14.85
N GLU D 5 36.42 -21.17 14.01
CA GLU D 5 36.12 -21.01 12.59
C GLU D 5 34.65 -21.19 12.27
N ARG D 6 33.86 -21.73 13.20
CA ARG D 6 32.41 -21.77 12.98
C ARG D 6 31.79 -20.40 13.21
N VAL D 7 32.33 -19.63 14.15
CA VAL D 7 31.89 -18.25 14.35
C VAL D 7 32.34 -17.37 13.18
N LYS D 8 33.58 -17.55 12.72
CA LYS D 8 34.08 -16.76 11.60
C LYS D 8 33.28 -17.02 10.34
N LYS D 9 32.81 -18.25 10.14
CA LYS D 9 31.93 -18.55 9.02
C LYS D 9 30.64 -17.76 9.13
N ILE D 10 30.03 -17.76 10.32
CA ILE D 10 28.75 -17.07 10.51
C ILE D 10 28.90 -15.58 10.25
N ILE D 11 29.96 -14.97 10.80
CA ILE D 11 30.18 -13.54 10.62
C ILE D 11 30.37 -13.20 9.15
N GLY D 12 31.03 -14.08 8.41
CA GLY D 12 31.33 -13.79 7.01
C GLY D 12 30.09 -13.64 6.16
N GLU D 13 29.16 -14.60 6.28
CA GLU D 13 27.95 -14.56 5.46
C GLU D 13 26.92 -13.56 5.95
N GLN D 14 26.97 -13.19 7.24
CA GLN D 14 26.01 -12.22 7.75
C GLN D 14 26.36 -10.79 7.36
N LEU D 15 27.65 -10.47 7.25
CA LEU D 15 28.08 -9.12 6.91
C LEU D 15 28.48 -8.98 5.45
N GLY D 16 28.86 -10.06 4.78
CA GLY D 16 29.18 -10.02 3.37
C GLY D 16 30.63 -9.73 3.06
N VAL D 17 31.53 -10.34 3.83
CA VAL D 17 32.97 -10.16 3.64
C VAL D 17 33.61 -11.54 3.45
N LYS D 18 34.84 -11.52 2.96
CA LYS D 18 35.59 -12.75 2.75
C LYS D 18 36.11 -13.29 4.07
N GLN D 19 36.35 -14.61 4.11
CA GLN D 19 36.81 -15.25 5.33
C GLN D 19 38.18 -14.74 5.77
N GLU D 20 39.01 -14.31 4.82
CA GLU D 20 40.33 -13.81 5.18
C GLU D 20 40.26 -12.48 5.93
N GLU D 21 39.26 -11.66 5.60
CA GLU D 21 39.07 -10.39 6.29
C GLU D 21 38.51 -10.57 7.69
N VAL D 22 38.11 -11.78 8.07
CA VAL D 22 37.53 -12.02 9.39
C VAL D 22 38.64 -12.53 10.29
N THR D 23 39.44 -11.60 10.79
CA THR D 23 40.46 -11.90 11.79
C THR D 23 39.91 -11.60 13.17
N ASN D 24 40.69 -12.00 14.18
CA ASN D 24 40.18 -11.99 15.55
C ASN D 24 40.02 -10.58 16.10
N ASN D 25 40.98 -9.68 15.82
CA ASN D 25 40.91 -8.33 16.34
C ASN D 25 40.00 -7.41 15.56
N ALA D 26 39.30 -7.93 14.54
CA ALA D 26 38.47 -7.10 13.69
C ALA D 26 37.15 -6.79 14.39
N SER D 27 36.78 -5.51 14.42
CA SER D 27 35.50 -5.09 14.97
C SER D 27 34.44 -5.15 13.88
N PHE D 28 33.18 -5.30 14.31
CA PHE D 28 32.10 -5.45 13.35
C PHE D 28 31.80 -4.13 12.64
N VAL D 29 31.82 -3.02 13.37
CA VAL D 29 31.33 -1.75 12.83
C VAL D 29 32.38 -1.12 11.92
N GLU D 30 33.55 -0.80 12.46
CA GLU D 30 34.53 -0.01 11.70
C GLU D 30 35.36 -0.85 10.75
N ASP D 31 35.49 -2.15 10.98
CA ASP D 31 36.29 -3.00 10.11
C ASP D 31 35.46 -3.79 9.11
N LEU D 32 34.29 -4.28 9.51
CA LEU D 32 33.46 -5.11 8.64
C LEU D 32 32.20 -4.39 8.17
N GLY D 33 32.10 -3.09 8.43
CA GLY D 33 30.99 -2.31 7.88
C GLY D 33 29.62 -2.71 8.38
N ALA D 34 29.52 -3.28 9.58
CA ALA D 34 28.24 -3.68 10.13
C ALA D 34 27.52 -2.45 10.68
N ASP D 35 26.30 -2.21 10.22
CA ASP D 35 25.50 -1.12 10.74
C ASP D 35 24.84 -1.56 12.04
N SER D 36 23.94 -0.72 12.57
CA SER D 36 23.32 -1.03 13.86
C SER D 36 22.37 -2.22 13.77
N LEU D 37 21.72 -2.42 12.62
CA LEU D 37 20.81 -3.54 12.47
C LEU D 37 21.53 -4.85 12.23
N ASP D 38 22.74 -4.80 11.64
CA ASP D 38 23.51 -6.03 11.42
C ASP D 38 23.93 -6.67 12.73
N THR D 39 24.19 -5.86 13.76
CA THR D 39 24.60 -6.42 15.05
C THR D 39 23.49 -7.26 15.67
N VAL D 40 22.24 -6.82 15.52
CA VAL D 40 21.12 -7.56 16.08
C VAL D 40 20.97 -8.92 15.40
N GLU D 41 21.03 -8.94 14.06
CA GLU D 41 20.88 -10.20 13.34
C GLU D 41 22.09 -11.10 13.54
N LEU D 42 23.27 -10.53 13.80
CA LEU D 42 24.47 -11.34 13.99
C LEU D 42 24.35 -12.18 15.25
N VAL D 43 24.00 -11.55 16.38
CA VAL D 43 23.86 -12.30 17.63
C VAL D 43 22.71 -13.28 17.57
N MET D 44 21.73 -13.05 16.68
N MET D 44 21.75 -13.08 16.66
CA MET D 44 20.66 -14.01 16.49
CA MET D 44 20.65 -14.00 16.49
C MET D 44 21.17 -15.25 15.76
C MET D 44 20.95 -15.13 15.50
N ALA D 45 22.10 -15.08 14.83
CA ALA D 45 22.62 -16.22 14.08
C ALA D 45 23.61 -17.03 14.90
N LEU D 46 24.30 -16.40 15.85
CA LEU D 46 25.17 -17.14 16.76
C LEU D 46 24.35 -17.94 17.76
N GLU D 47 23.25 -17.35 18.26
CA GLU D 47 22.38 -18.03 19.21
C GLU D 47 21.40 -18.99 18.55
N GLU D 48 21.42 -19.09 17.22
CA GLU D 48 20.70 -20.12 16.49
C GLU D 48 21.60 -21.27 16.08
N GLU D 49 22.90 -21.16 16.33
CA GLU D 49 23.92 -22.02 15.73
C GLU D 49 24.59 -22.92 16.76
N PHE D 50 24.96 -22.40 17.93
CA PHE D 50 25.50 -23.21 19.02
C PHE D 50 24.46 -23.53 20.09
N ASP D 51 23.18 -23.22 19.83
CA ASP D 51 22.08 -23.54 20.74
C ASP D 51 22.29 -22.92 22.13
N THR D 52 22.74 -21.66 22.15
CA THR D 52 22.96 -20.91 23.37
C THR D 52 22.05 -19.68 23.36
N GLU D 53 21.76 -19.15 24.55
CA GLU D 53 20.95 -17.94 24.70
C GLU D 53 21.84 -16.84 25.29
N ILE D 54 21.92 -15.71 24.60
CA ILE D 54 22.81 -14.61 24.98
C ILE D 54 21.96 -13.51 25.60
N PRO D 55 22.24 -13.11 26.86
CA PRO D 55 21.55 -11.94 27.40
C PRO D 55 21.86 -10.69 26.58
N ASP D 56 20.89 -9.78 26.53
CA ASP D 56 21.06 -8.57 25.72
C ASP D 56 22.17 -7.68 26.27
N GLU D 57 22.32 -7.63 27.60
CA GLU D 57 23.37 -6.80 28.19
C GLU D 57 24.76 -7.30 27.81
N GLU D 58 24.91 -8.61 27.60
CA GLU D 58 26.17 -9.17 27.15
C GLU D 58 26.30 -9.17 25.63
N ALA D 59 25.18 -9.23 24.90
CA ALA D 59 25.23 -9.15 23.44
C ALA D 59 25.78 -7.81 22.97
N GLU D 60 25.47 -6.73 23.69
CA GLU D 60 26.01 -5.42 23.34
C GLU D 60 27.50 -5.33 23.63
N LYS D 61 28.04 -6.19 24.49
CA LYS D 61 29.47 -6.22 24.73
C LYS D 61 30.22 -6.82 23.55
N ILE D 62 29.59 -7.76 22.83
CA ILE D 62 30.22 -8.43 21.70
C ILE D 62 30.30 -7.48 20.52
N THR D 63 31.48 -6.87 20.33
CA THR D 63 31.71 -5.95 19.23
C THR D 63 32.85 -6.37 18.31
N THR D 64 33.62 -7.39 18.67
CA THR D 64 34.71 -7.89 17.85
C THR D 64 34.51 -9.38 17.57
N VAL D 65 35.35 -9.92 16.68
CA VAL D 65 35.30 -11.34 16.39
C VAL D 65 35.83 -12.16 17.56
N GLN D 66 36.86 -11.65 18.25
CA GLN D 66 37.38 -12.36 19.41
C GLN D 66 36.36 -12.40 20.54
N ALA D 67 35.59 -11.32 20.72
CA ALA D 67 34.58 -11.29 21.77
C ALA D 67 33.50 -12.35 21.53
N ALA D 68 33.14 -12.58 20.27
CA ALA D 68 32.16 -13.60 19.96
C ALA D 68 32.72 -15.00 20.15
N ILE D 69 33.99 -15.19 19.81
CA ILE D 69 34.63 -16.49 20.02
C ILE D 69 34.79 -16.77 21.50
N ASP D 70 35.15 -15.74 22.28
CA ASP D 70 35.36 -15.93 23.71
C ASP D 70 34.06 -16.29 24.43
N TYR D 71 32.94 -15.71 24.00
CA TYR D 71 31.67 -16.00 24.66
C TYR D 71 31.21 -17.43 24.38
N ILE D 72 31.34 -17.88 23.12
CA ILE D 72 30.91 -19.23 22.79
C ILE D 72 31.85 -20.26 23.40
N ASN D 73 33.15 -19.95 23.47
CA ASN D 73 34.10 -20.85 24.09
C ASN D 73 33.86 -20.99 25.59
N GLY D 74 33.40 -19.92 26.24
CA GLY D 74 33.17 -19.96 27.68
C GLY D 74 31.86 -20.57 28.10
N HIS D 75 30.95 -20.83 27.16
CA HIS D 75 29.65 -21.40 27.49
C HIS D 75 29.36 -22.65 26.65
#